data_5OL8
#
_entry.id   5OL8
#
_cell.length_a   98.480
_cell.length_b   112.540
_cell.length_c   88.840
_cell.angle_alpha   90.00
_cell.angle_beta   110.13
_cell.angle_gamma   90.00
#
_symmetry.space_group_name_H-M   'C 1 2 1'
#
loop_
_entity.id
_entity.type
_entity.pdbx_description
1 polymer 'Transcription elongation factor, mitochondrial'
2 non-polymer GLYCEROL
3 water water
#
_entity_poly.entity_id   1
_entity_poly.type   'polypeptide(L)'
_entity_poly.pdbx_seq_one_letter_code
;MDENAKEPENALDKLFSSEQQASILHVLNTASTKELEAFRLLRGRRSINIVEHRENFGPFQNLESLMNVPLFKYKSTVQV
CNSILCPKTGREKRKSPENRFLRKLLKPDIERERLKAVNSIISIVFGTRRIAWAHLDRKLTVLDWQQSDRWSLMRGIYSS
SVYLEEISSIISKMPKADFYVLEKTGLSIQNSSLFPILLHFHIMEAMLYALLNKTFAQDGQHQVLSMNRNAVGKHFELMI
GDSRTSGKELVKQFLFDSILKADPRVFFPSDKIVHYRQMFLSTELQRVEELYDSLLQAIAFYELAVFDSQPLEHHHHHH
;
_entity_poly.pdbx_strand_id   A,B,C,D
#
# COMPACT_ATOMS: atom_id res chain seq x y z
N LYS A 104 8.37 21.81 26.30
CA LYS A 104 8.76 20.52 25.75
C LYS A 104 9.04 19.52 26.87
N LEU A 105 9.48 20.02 28.02
CA LEU A 105 9.83 19.14 29.13
C LEU A 105 8.58 18.51 29.74
N LEU A 106 7.54 19.30 29.99
CA LEU A 106 6.34 18.84 30.67
C LEU A 106 5.11 19.21 29.86
N LYS A 107 4.21 18.25 29.69
CA LYS A 107 2.92 18.48 29.05
C LYS A 107 1.83 17.79 29.88
N PRO A 108 0.67 18.43 30.07
CA PRO A 108 0.29 19.76 29.57
C PRO A 108 0.96 20.90 30.32
N ASP A 109 0.80 22.13 29.82
CA ASP A 109 1.46 23.28 30.41
C ASP A 109 0.82 23.64 31.74
N ILE A 110 1.62 23.62 32.80
CA ILE A 110 1.18 24.00 34.14
C ILE A 110 1.89 25.29 34.51
N GLU A 111 1.15 26.21 35.15
CA GLU A 111 1.76 27.46 35.59
C GLU A 111 2.94 27.19 36.51
N ARG A 112 3.97 28.02 36.39
CA ARG A 112 5.12 27.91 37.27
C ARG A 112 4.73 28.06 38.73
N GLU A 113 3.58 28.69 39.01
CA GLU A 113 3.13 28.88 40.39
C GLU A 113 2.77 27.56 41.04
N ARG A 114 1.97 26.73 40.36
CA ARG A 114 1.55 25.46 40.95
C ARG A 114 2.69 24.45 40.98
N LEU A 115 3.66 24.59 40.07
CA LEU A 115 4.80 23.67 40.04
C LEU A 115 5.76 23.93 41.19
N LYS A 116 6.01 25.21 41.50
CA LYS A 116 6.97 25.53 42.56
C LYS A 116 6.42 25.25 43.95
N ALA A 117 5.09 25.13 44.09
CA ALA A 117 4.46 24.89 45.38
C ALA A 117 4.05 23.44 45.58
N VAL A 118 4.67 22.52 44.84
CA VAL A 118 4.36 21.10 44.97
C VAL A 118 4.84 20.60 46.33
N ASN A 119 4.00 19.83 47.01
CA ASN A 119 4.41 19.16 48.22
C ASN A 119 4.89 17.73 47.98
N SER A 120 4.35 17.03 46.99
CA SER A 120 4.81 15.68 46.66
C SER A 120 4.25 15.28 45.30
N ILE A 121 4.97 14.38 44.64
CA ILE A 121 4.56 13.83 43.36
C ILE A 121 4.65 12.31 43.42
N ILE A 122 3.93 11.66 42.52
CA ILE A 122 4.08 10.23 42.25
C ILE A 122 4.58 10.08 40.82
N SER A 123 5.78 9.54 40.67
CA SER A 123 6.41 9.34 39.38
C SER A 123 6.18 7.90 38.94
N ILE A 124 5.60 7.73 37.76
CA ILE A 124 5.15 6.44 37.26
C ILE A 124 5.89 6.13 35.97
N VAL A 125 6.45 4.92 35.87
CA VAL A 125 7.09 4.44 34.65
C VAL A 125 6.66 3.00 34.43
N PHE A 126 6.29 2.66 33.20
CA PHE A 126 5.85 1.32 32.87
C PHE A 126 6.54 0.84 31.60
N GLY A 127 6.65 -0.47 31.49
CA GLY A 127 7.13 -1.10 30.28
C GLY A 127 6.04 -1.97 29.69
N THR A 128 6.44 -2.99 28.93
CA THR A 128 5.45 -3.92 28.39
C THR A 128 4.99 -4.93 29.44
N ARG A 129 5.82 -5.18 30.45
CA ARG A 129 5.59 -6.22 31.44
C ARG A 129 5.33 -5.69 32.85
N ARG A 130 6.04 -4.64 33.25
CA ARG A 130 6.04 -4.21 34.64
C ARG A 130 5.72 -2.71 34.72
N ILE A 131 5.34 -2.28 35.93
CA ILE A 131 5.15 -0.88 36.23
C ILE A 131 5.76 -0.61 37.60
N ALA A 132 6.25 0.61 37.78
CA ALA A 132 6.84 1.02 39.05
C ALA A 132 6.50 2.48 39.30
N TRP A 133 6.47 2.85 40.58
CA TRP A 133 6.21 4.25 40.92
C TRP A 133 6.96 4.62 42.20
N ALA A 134 7.19 5.92 42.34
CA ALA A 134 7.90 6.47 43.49
C ALA A 134 7.19 7.73 43.96
N HIS A 135 6.96 7.82 45.27
CA HIS A 135 6.33 8.99 45.89
C HIS A 135 7.43 9.82 46.55
N LEU A 136 7.66 11.03 46.04
CA LEU A 136 8.72 11.90 46.54
C LEU A 136 8.14 13.25 46.91
N ASP A 137 8.48 13.75 48.10
CA ASP A 137 8.02 15.07 48.51
C ASP A 137 9.05 16.13 48.12
N ARG A 138 8.70 17.39 48.34
CA ARG A 138 9.57 18.50 47.95
C ARG A 138 10.86 18.55 48.75
N LYS A 139 10.96 17.79 49.84
CA LYS A 139 12.23 17.56 50.51
C LYS A 139 13.05 16.45 49.87
N LEU A 140 12.60 15.95 48.70
CA LEU A 140 13.28 14.88 47.98
C LEU A 140 13.33 13.58 48.79
N THR A 141 12.35 13.38 49.66
CA THR A 141 12.24 12.18 50.47
C THR A 141 11.42 11.13 49.71
N VAL A 142 11.93 9.90 49.65
CA VAL A 142 11.24 8.82 48.96
C VAL A 142 10.27 8.20 49.97
N LEU A 143 9.04 8.69 49.98
CA LEU A 143 8.05 8.22 50.95
C LEU A 143 7.56 6.82 50.62
N ASP A 144 7.49 6.47 49.33
CA ASP A 144 7.14 5.13 48.90
C ASP A 144 7.80 4.86 47.55
N TRP A 145 8.04 3.58 47.29
CA TRP A 145 8.77 3.17 46.09
C TRP A 145 8.41 1.70 45.86
N GLN A 146 7.66 1.42 44.79
CA GLN A 146 7.17 0.07 44.55
C GLN A 146 7.24 -0.26 43.07
N GLN A 147 7.30 -1.55 42.79
CA GLN A 147 7.16 -2.09 41.45
C GLN A 147 6.27 -3.32 41.51
N SER A 148 5.65 -3.65 40.38
CA SER A 148 4.83 -4.84 40.29
C SER A 148 4.82 -5.34 38.85
N ASP A 149 4.83 -6.66 38.69
CA ASP A 149 4.80 -7.30 37.38
C ASP A 149 3.34 -7.51 36.99
N ARG A 150 2.83 -6.68 36.07
CA ARG A 150 1.46 -6.82 35.59
C ARG A 150 1.44 -7.80 34.43
N TRP A 151 1.63 -9.07 34.79
CA TRP A 151 1.92 -10.11 33.81
C TRP A 151 0.71 -10.48 32.95
N SER A 152 -0.50 -10.02 33.28
CA SER A 152 -1.65 -10.36 32.46
C SER A 152 -1.81 -9.46 31.24
N LEU A 153 -1.08 -8.35 31.18
CA LEU A 153 -1.20 -7.43 30.06
C LEU A 153 -0.23 -7.81 28.95
N MET A 154 -0.51 -7.30 27.74
CA MET A 154 0.39 -7.42 26.60
C MET A 154 0.61 -8.88 26.22
N ARG A 155 -0.49 -9.63 26.12
CA ARG A 155 -0.46 -11.05 25.79
C ARG A 155 -1.17 -11.33 24.47
N GLY A 156 -1.12 -10.38 23.53
CA GLY A 156 -1.73 -10.54 22.24
C GLY A 156 -3.07 -9.85 22.08
N ILE A 157 -3.73 -9.53 23.19
CA ILE A 157 -5.04 -8.88 23.18
C ILE A 157 -4.91 -7.53 23.84
N TYR A 158 -5.76 -6.58 23.43
CA TYR A 158 -5.84 -5.25 24.05
C TYR A 158 -7.26 -5.11 24.59
N SER A 159 -7.49 -5.72 25.75
CA SER A 159 -8.81 -5.70 26.40
C SER A 159 -8.84 -4.51 27.37
N SER A 160 -9.70 -3.53 27.08
CA SER A 160 -9.84 -2.39 27.96
C SER A 160 -10.31 -2.80 29.35
N SER A 161 -11.12 -3.86 29.44
CA SER A 161 -11.59 -4.30 30.75
C SER A 161 -10.43 -4.85 31.59
N VAL A 162 -9.47 -5.52 30.95
CA VAL A 162 -8.31 -6.02 31.69
C VAL A 162 -7.39 -4.87 32.10
N TYR A 163 -7.17 -3.90 31.20
CA TYR A 163 -6.43 -2.71 31.57
C TYR A 163 -7.06 -2.00 32.75
N LEU A 164 -8.39 -1.89 32.76
CA LEU A 164 -9.08 -1.25 33.87
C LEU A 164 -8.81 -1.97 35.18
N GLU A 165 -8.93 -3.31 35.17
CA GLU A 165 -8.70 -4.09 36.38
C GLU A 165 -7.26 -3.93 36.88
N GLU A 166 -6.29 -3.97 35.95
CA GLU A 166 -4.89 -3.85 36.35
C GLU A 166 -4.58 -2.46 36.87
N ILE A 167 -4.98 -1.41 36.13
CA ILE A 167 -4.61 -0.06 36.52
C ILE A 167 -5.38 0.37 37.77
N SER A 168 -6.64 -0.06 37.91
CA SER A 168 -7.38 0.27 39.13
C SER A 168 -6.72 -0.38 40.36
N SER A 169 -6.23 -1.62 40.20
CA SER A 169 -5.52 -2.28 41.29
C SER A 169 -4.22 -1.56 41.61
N ILE A 170 -3.48 -1.13 40.58
CA ILE A 170 -2.21 -0.45 40.80
C ILE A 170 -2.42 0.84 41.57
N ILE A 171 -3.34 1.70 41.12
CA ILE A 171 -3.49 3.01 41.73
C ILE A 171 -4.13 2.92 43.10
N SER A 172 -4.80 1.81 43.43
CA SER A 172 -5.39 1.67 44.77
C SER A 172 -4.32 1.62 45.86
N LYS A 173 -3.06 1.41 45.49
CA LYS A 173 -1.96 1.38 46.44
C LYS A 173 -1.22 2.70 46.54
N MET A 174 -1.61 3.70 45.74
CA MET A 174 -0.89 4.98 45.71
C MET A 174 -1.50 5.96 46.69
N PRO A 175 -0.69 6.66 47.48
CA PRO A 175 -1.21 7.75 48.31
C PRO A 175 -1.51 8.96 47.47
N LYS A 176 -2.20 9.93 48.09
CA LYS A 176 -2.51 11.18 47.41
C LYS A 176 -1.25 11.96 47.12
N ALA A 177 -1.21 12.62 45.97
CA ALA A 177 -0.09 13.47 45.60
C ALA A 177 -0.60 14.67 44.82
N ASP A 178 0.23 15.72 44.75
CA ASP A 178 -0.15 16.92 44.00
C ASP A 178 -0.13 16.66 42.49
N PHE A 179 0.87 15.93 42.02
CA PHE A 179 0.96 15.59 40.61
C PHE A 179 1.37 14.15 40.44
N TYR A 180 0.92 13.56 39.35
CA TYR A 180 1.32 12.23 38.91
C TYR A 180 2.04 12.40 37.59
N VAL A 181 3.27 11.90 37.52
CA VAL A 181 4.16 12.17 36.39
C VAL A 181 4.42 10.88 35.64
N LEU A 182 4.09 10.88 34.35
CA LEU A 182 4.33 9.76 33.45
C LEU A 182 5.38 10.13 32.42
N GLU A 183 5.93 9.11 31.76
CA GLU A 183 6.92 9.34 30.72
C GLU A 183 6.25 9.71 29.39
N LYS A 184 6.82 10.70 28.72
CA LYS A 184 6.56 10.95 27.30
C LYS A 184 7.76 10.42 26.52
N THR A 185 7.57 9.29 25.84
CA THR A 185 8.68 8.64 25.16
C THR A 185 8.84 9.18 23.74
N GLY A 186 9.84 8.65 23.03
CA GLY A 186 10.13 9.07 21.67
C GLY A 186 9.48 8.23 20.60
N LEU A 187 8.52 7.37 20.94
CA LEU A 187 7.88 6.53 19.94
C LEU A 187 6.94 7.36 19.07
N SER A 188 6.92 7.05 17.77
CA SER A 188 6.07 7.73 16.81
C SER A 188 5.30 6.69 15.99
N ILE A 189 4.38 7.19 15.18
CA ILE A 189 3.55 6.29 14.37
C ILE A 189 4.33 5.75 13.17
N GLN A 190 5.36 6.47 12.71
CA GLN A 190 6.00 6.12 11.44
C GLN A 190 6.54 4.69 11.44
N ASN A 191 7.06 4.23 12.57
CA ASN A 191 7.61 2.88 12.64
C ASN A 191 6.49 1.88 12.93
N SER A 192 6.24 0.97 11.99
CA SER A 192 5.17 0.01 12.15
C SER A 192 5.55 -1.14 13.07
N SER A 193 6.83 -1.49 13.14
CA SER A 193 7.26 -2.60 13.99
C SER A 193 7.04 -2.33 15.47
N LEU A 194 6.93 -1.06 15.86
CA LEU A 194 6.72 -0.69 17.25
C LEU A 194 5.25 -0.44 17.58
N PHE A 195 4.34 -0.64 16.62
CA PHE A 195 2.91 -0.44 16.85
C PHE A 195 2.39 -1.12 18.11
N PRO A 196 2.67 -2.40 18.38
CA PRO A 196 2.13 -3.01 19.61
C PRO A 196 2.55 -2.28 20.87
N ILE A 197 3.82 -1.91 20.99
CA ILE A 197 4.28 -1.21 22.18
C ILE A 197 3.63 0.15 22.29
N LEU A 198 3.59 0.90 21.18
CA LEU A 198 3.03 2.25 21.20
C LEU A 198 1.56 2.23 21.61
N LEU A 199 0.81 1.24 21.12
CA LEU A 199 -0.61 1.14 21.48
C LEU A 199 -0.77 0.84 22.96
N HIS A 200 0.01 -0.12 23.48
CA HIS A 200 0.02 -0.42 24.91
C HIS A 200 0.30 0.83 25.74
N PHE A 201 1.34 1.59 25.37
CA PHE A 201 1.73 2.78 26.12
C PHE A 201 0.60 3.81 26.13
N HIS A 202 -0.05 4.02 24.99
CA HIS A 202 -1.13 5.01 24.94
C HIS A 202 -2.35 4.56 25.75
N ILE A 203 -2.64 3.26 25.80
CA ILE A 203 -3.76 2.80 26.62
C ILE A 203 -3.45 3.00 28.10
N MET A 204 -2.28 2.55 28.53
CA MET A 204 -1.82 2.80 29.91
C MET A 204 -1.92 4.27 30.25
N GLU A 205 -1.38 5.13 29.37
CA GLU A 205 -1.37 6.56 29.63
C GLU A 205 -2.78 7.13 29.69
N ALA A 206 -3.67 6.65 28.81
CA ALA A 206 -5.03 7.16 28.79
C ALA A 206 -5.77 6.86 30.08
N MET A 207 -5.67 5.62 30.57
CA MET A 207 -6.38 5.27 31.78
C MET A 207 -5.76 5.92 33.02
N LEU A 208 -4.43 6.07 33.04
CA LEU A 208 -3.80 6.77 34.15
C LEU A 208 -4.24 8.24 34.19
N TYR A 209 -4.28 8.90 33.04
CA TYR A 209 -4.79 10.27 32.98
C TYR A 209 -6.22 10.36 33.49
N ALA A 210 -7.06 9.37 33.14
CA ALA A 210 -8.47 9.43 33.51
C ALA A 210 -8.69 9.06 34.98
N LEU A 211 -7.99 8.02 35.46
CA LEU A 211 -8.26 7.50 36.80
C LEU A 211 -7.55 8.30 37.88
N LEU A 212 -6.42 8.94 37.58
CA LEU A 212 -5.69 9.71 38.57
C LEU A 212 -6.09 11.17 38.62
N ASN A 213 -6.88 11.64 37.66
CA ASN A 213 -7.48 12.98 37.74
C ASN A 213 -8.86 12.87 38.42
N LYS A 214 -8.81 12.65 39.72
CA LYS A 214 -10.03 12.29 40.45
C LYS A 214 -11.00 13.46 40.60
N THR A 215 -10.55 14.70 40.44
CA THR A 215 -11.41 15.87 40.57
C THR A 215 -11.51 16.69 39.28
N PHE A 216 -11.02 16.16 38.14
CA PHE A 216 -10.93 16.96 36.93
C PHE A 216 -12.31 17.43 36.47
N ALA A 217 -13.32 16.57 36.58
CA ALA A 217 -14.65 16.92 36.10
C ALA A 217 -15.23 18.12 36.84
N GLN A 218 -14.75 18.42 38.04
CA GLN A 218 -15.27 19.54 38.81
C GLN A 218 -14.40 20.79 38.73
N ASP A 219 -13.08 20.67 38.58
CA ASP A 219 -12.21 21.83 38.56
C ASP A 219 -11.43 22.02 37.28
N GLY A 220 -11.37 21.02 36.40
CA GLY A 220 -10.68 21.19 35.14
C GLY A 220 -9.18 21.40 35.24
N GLN A 221 -8.58 21.10 36.38
CA GLN A 221 -7.15 21.26 36.57
C GLN A 221 -6.45 19.91 36.39
N HIS A 222 -5.45 19.89 35.53
CA HIS A 222 -4.71 18.66 35.26
C HIS A 222 -3.77 18.34 36.40
N GLN A 223 -3.84 17.11 36.90
CA GLN A 223 -2.89 16.61 37.89
C GLN A 223 -1.93 15.57 37.33
N VAL A 224 -2.16 15.09 36.11
CA VAL A 224 -1.33 14.07 35.50
C VAL A 224 -0.52 14.71 34.39
N LEU A 225 0.79 14.53 34.44
CA LEU A 225 1.72 15.19 33.53
C LEU A 225 2.56 14.14 32.84
N SER A 226 2.99 14.44 31.62
CA SER A 226 3.91 13.63 30.86
C SER A 226 5.25 14.35 30.77
N MET A 227 6.31 13.68 31.16
CA MET A 227 7.64 14.27 31.23
C MET A 227 8.52 13.65 30.16
N ASN A 228 9.25 14.51 29.43
CA ASN A 228 10.09 14.06 28.33
C ASN A 228 11.17 13.12 28.84
N ARG A 229 11.11 11.86 28.39
CA ARG A 229 12.07 10.84 28.83
C ARG A 229 13.48 11.12 28.29
N ASN A 230 13.56 11.65 27.06
CA ASN A 230 14.87 11.97 26.51
C ASN A 230 15.58 13.05 27.34
N ALA A 231 14.82 14.05 27.79
CA ALA A 231 15.42 15.11 28.60
C ALA A 231 15.86 14.57 29.96
N VAL A 232 15.11 13.64 30.53
CA VAL A 232 15.54 13.01 31.78
C VAL A 232 16.82 12.21 31.56
N GLY A 233 16.91 11.53 30.41
CA GLY A 233 18.12 10.77 30.11
C GLY A 233 19.34 11.65 29.99
N LYS A 234 19.20 12.79 29.32
CA LYS A 234 20.32 13.73 29.20
C LYS A 234 20.68 14.34 30.54
N HIS A 235 19.68 14.56 31.41
CA HIS A 235 19.95 15.18 32.70
C HIS A 235 20.86 14.30 33.56
N PHE A 236 20.72 12.98 33.46
CA PHE A 236 21.53 12.06 34.23
C PHE A 236 22.68 11.47 33.42
N GLU A 237 22.93 11.98 32.21
CA GLU A 237 24.03 11.52 31.37
C GLU A 237 23.96 10.01 31.12
N LEU A 238 22.77 9.53 30.79
CA LEU A 238 22.54 8.11 30.53
C LEU A 238 22.34 7.81 29.05
N MET A 239 22.71 8.74 28.17
CA MET A 239 22.44 8.60 26.74
C MET A 239 23.60 7.93 26.03
N ILE A 240 23.29 6.96 25.18
CA ILE A 240 24.20 6.48 24.14
C ILE A 240 23.47 6.65 22.82
N GLY A 241 24.10 7.39 21.90
CA GLY A 241 23.35 7.83 20.73
C GLY A 241 22.22 8.74 21.18
N ASP A 242 21.02 8.47 20.69
CA ASP A 242 19.83 9.20 21.12
C ASP A 242 18.89 8.30 21.94
N SER A 243 19.41 7.24 22.53
CA SER A 243 18.64 6.36 23.39
C SER A 243 19.29 6.26 24.76
N ARG A 244 18.51 5.83 25.74
CA ARG A 244 18.98 5.81 27.12
C ARG A 244 19.60 4.46 27.49
N THR A 245 20.57 4.52 28.40
CA THR A 245 21.09 3.33 29.03
C THR A 245 20.53 3.22 30.45
N SER A 246 20.85 2.12 31.12
CA SER A 246 20.23 1.83 32.40
C SER A 246 20.71 2.79 33.48
N GLY A 247 19.78 3.17 34.37
CA GLY A 247 20.13 3.96 35.52
C GLY A 247 20.29 3.12 36.76
N LYS A 248 20.50 1.81 36.57
CA LYS A 248 20.65 0.91 37.72
C LYS A 248 21.84 1.31 38.58
N GLU A 249 22.98 1.57 37.94
CA GLU A 249 24.18 1.92 38.70
C GLU A 249 24.02 3.27 39.40
N LEU A 250 23.33 4.20 38.75
CA LEU A 250 23.14 5.52 39.35
C LEU A 250 22.20 5.46 40.54
N VAL A 251 21.14 4.65 40.44
CA VAL A 251 20.26 4.44 41.58
C VAL A 251 20.98 3.70 42.69
N LYS A 252 21.82 2.72 42.33
CA LYS A 252 22.58 1.98 43.33
C LYS A 252 23.50 2.92 44.12
N GLN A 253 24.05 3.93 43.45
CA GLN A 253 24.85 4.94 44.15
C GLN A 253 24.01 5.67 45.20
N PHE A 254 22.83 6.16 44.79
CA PHE A 254 21.94 6.83 45.74
C PHE A 254 21.63 5.93 46.92
N LEU A 255 21.40 4.65 46.67
CA LEU A 255 20.89 3.75 47.69
C LEU A 255 21.98 3.13 48.56
N PHE A 256 23.23 3.10 48.09
CA PHE A 256 24.31 2.42 48.81
C PHE A 256 25.58 3.25 48.87
N ASP A 257 25.48 4.58 48.79
CA ASP A 257 26.68 5.40 48.93
C ASP A 257 27.12 5.46 50.39
N SER A 258 28.42 5.62 50.60
CA SER A 258 29.00 5.50 51.94
C SER A 258 29.26 6.83 52.61
N ILE A 259 29.54 7.90 51.86
CA ILE A 259 30.02 9.15 52.44
C ILE A 259 28.96 9.76 53.36
N LEU A 260 27.88 10.29 52.76
CA LEU A 260 26.81 10.94 53.51
C LEU A 260 27.33 12.11 54.35
N LYS A 261 28.31 12.84 53.81
CA LYS A 261 28.85 14.03 54.47
C LYS A 261 28.50 15.31 53.72
N ALA A 262 27.59 15.23 52.77
CA ALA A 262 27.06 16.40 52.07
C ALA A 262 25.62 16.08 51.68
N ASP A 263 24.81 17.13 51.54
CA ASP A 263 23.40 16.97 51.23
C ASP A 263 23.22 16.26 49.89
N PRO A 264 22.70 15.05 49.88
CA PRO A 264 22.54 14.30 48.63
C PRO A 264 21.37 14.84 47.81
N ARG A 265 21.19 14.26 46.62
CA ARG A 265 20.13 14.66 45.71
C ARG A 265 18.80 14.00 46.03
N VAL A 266 18.81 12.93 46.83
CA VAL A 266 17.59 12.21 47.16
C VAL A 266 17.77 11.58 48.54
N PHE A 267 16.71 11.60 49.34
CA PHE A 267 16.73 11.11 50.71
C PHE A 267 15.80 9.92 50.86
N PHE A 268 16.25 8.92 51.61
CA PHE A 268 15.45 7.76 51.95
C PHE A 268 15.24 7.72 53.45
N PRO A 269 13.99 7.60 53.93
CA PRO A 269 13.75 7.58 55.37
C PRO A 269 14.38 6.37 56.04
N SER A 270 14.63 6.51 57.36
CA SER A 270 15.27 5.43 58.11
C SER A 270 14.38 4.19 58.14
N ASP A 271 13.08 4.36 58.32
CA ASP A 271 12.17 3.21 58.38
C ASP A 271 12.03 2.52 57.03
N LYS A 272 12.34 3.20 55.94
CA LYS A 272 12.16 2.65 54.60
C LYS A 272 13.46 2.20 53.93
N ILE A 273 14.61 2.71 54.39
CA ILE A 273 15.87 2.46 53.68
C ILE A 273 16.21 0.97 53.69
N VAL A 274 15.92 0.29 54.80
CA VAL A 274 16.21 -1.15 54.87
C VAL A 274 15.38 -1.91 53.86
N HIS A 275 14.09 -1.59 53.75
CA HIS A 275 13.24 -2.25 52.78
C HIS A 275 13.65 -1.93 51.35
N TYR A 276 13.93 -0.64 51.08
CA TYR A 276 14.34 -0.25 49.74
C TYR A 276 15.60 -0.97 49.30
N ARG A 277 16.55 -1.18 50.21
CA ARG A 277 17.78 -1.87 49.85
C ARG A 277 17.53 -3.35 49.60
N GLN A 278 16.71 -3.98 50.45
CA GLN A 278 16.34 -5.37 50.20
C GLN A 278 15.56 -5.52 48.91
N MET A 279 14.74 -4.52 48.56
CA MET A 279 14.01 -4.57 47.29
C MET A 279 14.96 -4.46 46.11
N PHE A 280 15.91 -3.53 46.17
CA PHE A 280 16.85 -3.36 45.08
C PHE A 280 17.66 -4.62 44.86
N LEU A 281 18.17 -5.22 45.94
CA LEU A 281 19.05 -6.37 45.81
C LEU A 281 18.28 -7.62 45.38
N SER A 282 17.05 -7.77 45.85
CA SER A 282 16.28 -8.97 45.50
C SER A 282 15.84 -8.93 44.04
N THR A 283 15.65 -7.74 43.47
CA THR A 283 15.25 -7.57 42.09
C THR A 283 16.41 -7.14 41.20
N GLU A 284 17.64 -7.18 41.71
CA GLU A 284 18.77 -6.68 40.94
C GLU A 284 19.10 -7.59 39.76
N LEU A 285 18.98 -8.90 39.95
CA LEU A 285 19.28 -9.83 38.86
C LEU A 285 18.26 -9.72 37.75
N GLN A 286 17.00 -9.43 38.08
CA GLN A 286 15.97 -9.26 37.06
C GLN A 286 16.08 -7.94 36.32
N ARG A 287 16.81 -6.97 36.88
CA ARG A 287 16.97 -5.63 36.31
C ARG A 287 15.62 -5.02 35.95
N VAL A 288 14.89 -4.55 36.97
CA VAL A 288 13.59 -3.94 36.77
C VAL A 288 13.78 -2.46 36.42
N GLU A 289 14.02 -2.17 35.14
CA GLU A 289 14.39 -0.82 34.72
C GLU A 289 13.33 0.20 35.11
N GLU A 290 12.06 -0.21 35.17
CA GLU A 290 10.99 0.73 35.52
C GLU A 290 11.16 1.22 36.95
N LEU A 291 11.61 0.35 37.86
CA LEU A 291 11.87 0.76 39.24
C LEU A 291 12.93 1.86 39.30
N TYR A 292 14.03 1.68 38.56
CA TYR A 292 15.07 2.71 38.56
C TYR A 292 14.58 3.98 37.88
N ASP A 293 13.86 3.83 36.75
CA ASP A 293 13.43 4.99 35.98
C ASP A 293 12.39 5.82 36.73
N SER A 294 11.52 5.19 37.53
CA SER A 294 10.55 5.98 38.28
C SER A 294 11.24 6.86 39.32
N LEU A 295 12.28 6.36 39.98
CA LEU A 295 13.01 7.18 40.93
C LEU A 295 13.69 8.34 40.24
N LEU A 296 14.39 8.06 39.13
CA LEU A 296 15.13 9.11 38.44
C LEU A 296 14.20 10.18 37.88
N GLN A 297 13.03 9.76 37.36
CA GLN A 297 12.07 10.74 36.84
C GLN A 297 11.59 11.67 37.94
N ALA A 298 11.36 11.14 39.15
CA ALA A 298 10.92 11.98 40.25
C ALA A 298 11.99 12.97 40.66
N ILE A 299 13.25 12.53 40.75
CA ILE A 299 14.35 13.43 41.06
C ILE A 299 14.47 14.51 40.00
N ALA A 300 14.42 14.10 38.73
CA ALA A 300 14.54 15.03 37.62
C ALA A 300 13.41 16.05 37.61
N PHE A 301 12.20 15.62 38.00
CA PHE A 301 11.08 16.55 38.06
C PHE A 301 11.36 17.69 39.02
N TYR A 302 11.93 17.38 40.19
CA TYR A 302 12.22 18.42 41.17
C TYR A 302 13.40 19.28 40.74
N GLU A 303 14.41 18.67 40.11
CA GLU A 303 15.62 19.41 39.77
C GLU A 303 15.42 20.30 38.55
N LEU A 304 14.52 19.93 37.65
CA LEU A 304 14.33 20.67 36.41
C LEU A 304 13.07 21.51 36.39
N ALA A 305 12.05 21.18 37.18
CA ALA A 305 10.77 21.87 37.13
C ALA A 305 10.38 22.55 38.44
N VAL A 306 10.95 22.16 39.58
CA VAL A 306 10.56 22.75 40.85
C VAL A 306 11.64 23.69 41.35
N PHE A 307 12.84 23.16 41.59
CA PHE A 307 13.95 23.94 42.13
C PHE A 307 14.89 24.32 40.99
N ASP A 308 14.50 25.37 40.27
CA ASP A 308 15.31 25.88 39.17
C ASP A 308 16.38 26.83 39.69
N LYS B 104 -18.35 -13.39 23.17
CA LYS B 104 -18.07 -13.01 21.79
C LYS B 104 -18.89 -11.79 21.38
N LEU B 105 -20.19 -11.83 21.67
CA LEU B 105 -21.05 -10.67 21.40
C LEU B 105 -20.69 -9.50 22.32
N LEU B 106 -20.64 -9.76 23.64
CA LEU B 106 -20.32 -8.74 24.64
C LEU B 106 -19.09 -9.15 25.42
N LYS B 107 -18.23 -8.17 25.70
CA LYS B 107 -17.06 -8.32 26.55
C LYS B 107 -16.98 -7.08 27.44
N PRO B 108 -16.65 -7.24 28.74
CA PRO B 108 -16.36 -8.51 29.43
C PRO B 108 -17.62 -9.33 29.73
N ASP B 109 -17.43 -10.53 30.27
CA ASP B 109 -18.57 -11.37 30.62
C ASP B 109 -19.30 -10.79 31.83
N ILE B 110 -20.61 -10.64 31.70
CA ILE B 110 -21.47 -10.12 32.76
C ILE B 110 -22.45 -11.22 33.18
N GLU B 111 -22.74 -11.29 34.47
CA GLU B 111 -23.75 -12.21 34.96
C GLU B 111 -25.07 -11.97 34.24
N ARG B 112 -25.73 -13.07 33.83
CA ARG B 112 -27.03 -12.94 33.19
C ARG B 112 -28.04 -12.24 34.10
N GLU B 113 -27.87 -12.35 35.41
CA GLU B 113 -28.75 -11.66 36.34
C GLU B 113 -28.71 -10.15 36.10
N ARG B 114 -27.50 -9.58 35.99
CA ARG B 114 -27.37 -8.15 35.79
C ARG B 114 -27.91 -7.70 34.44
N LEU B 115 -27.71 -8.53 33.40
CA LEU B 115 -28.16 -8.16 32.07
C LEU B 115 -29.68 -8.10 31.98
N LYS B 116 -30.37 -9.09 32.54
CA LYS B 116 -31.82 -9.10 32.45
C LYS B 116 -32.45 -8.02 33.32
N ALA B 117 -31.76 -7.59 34.37
CA ALA B 117 -32.29 -6.60 35.30
C ALA B 117 -32.03 -5.17 34.86
N VAL B 118 -31.54 -4.98 33.63
CA VAL B 118 -31.13 -3.64 33.18
C VAL B 118 -32.36 -2.73 33.12
N ASN B 119 -32.21 -1.53 33.68
CA ASN B 119 -33.25 -0.52 33.56
C ASN B 119 -33.04 0.40 32.37
N SER B 120 -31.79 0.79 32.09
CA SER B 120 -31.49 1.60 30.91
C SER B 120 -30.02 1.46 30.58
N ILE B 121 -29.69 1.78 29.33
CA ILE B 121 -28.31 1.76 28.85
C ILE B 121 -28.04 3.04 28.06
N ILE B 122 -26.76 3.41 28.01
CA ILE B 122 -26.24 4.38 27.05
C ILE B 122 -25.48 3.61 26.00
N SER B 123 -25.83 3.81 24.73
CA SER B 123 -25.16 3.18 23.61
C SER B 123 -24.29 4.23 22.93
N ILE B 124 -22.99 3.97 22.84
CA ILE B 124 -22.02 4.96 22.36
C ILE B 124 -21.33 4.42 21.11
N VAL B 125 -21.29 5.25 20.06
CA VAL B 125 -20.55 4.97 18.84
C VAL B 125 -19.77 6.22 18.46
N PHE B 126 -18.47 6.07 18.23
CA PHE B 126 -17.63 7.20 17.85
C PHE B 126 -16.88 6.87 16.56
N GLY B 127 -16.57 7.92 15.82
CA GLY B 127 -15.67 7.81 14.69
C GLY B 127 -14.44 8.67 14.92
N THR B 128 -13.79 9.08 13.84
CA THR B 128 -12.64 9.98 13.98
C THR B 128 -13.04 11.44 14.14
N ARG B 129 -14.28 11.78 13.78
CA ARG B 129 -14.72 13.17 13.77
C ARG B 129 -15.85 13.46 14.73
N ARG B 130 -16.67 12.46 15.07
CA ARG B 130 -17.85 12.69 15.90
C ARG B 130 -18.03 11.51 16.85
N ILE B 131 -18.82 11.76 17.89
CA ILE B 131 -19.31 10.73 18.79
C ILE B 131 -20.82 10.91 18.90
N ALA B 132 -21.54 9.80 19.10
CA ALA B 132 -22.98 9.84 19.25
C ALA B 132 -23.41 8.82 20.30
N TRP B 133 -24.54 9.08 20.94
CA TRP B 133 -25.05 8.13 21.92
C TRP B 133 -26.57 8.16 21.96
N ALA B 134 -27.12 7.07 22.49
CA ALA B 134 -28.56 6.92 22.65
C ALA B 134 -28.83 6.31 24.02
N HIS B 135 -29.75 6.91 24.76
CA HIS B 135 -30.18 6.41 26.06
C HIS B 135 -31.51 5.68 25.86
N LEU B 136 -31.52 4.36 26.05
CA LEU B 136 -32.73 3.56 25.92
C LEU B 136 -32.99 2.79 27.21
N ASP B 137 -34.24 2.83 27.68
CA ASP B 137 -34.64 2.04 28.83
C ASP B 137 -35.13 0.66 28.38
N ARG B 138 -35.48 -0.18 29.37
CA ARG B 138 -35.84 -1.55 29.07
C ARG B 138 -37.20 -1.68 28.39
N LYS B 139 -37.97 -0.60 28.32
CA LYS B 139 -39.19 -0.55 27.51
C LYS B 139 -38.89 -0.12 26.09
N LEU B 140 -37.60 0.00 25.73
CA LEU B 140 -37.14 0.40 24.39
C LEU B 140 -37.53 1.83 24.05
N THR B 141 -37.58 2.70 25.05
CA THR B 141 -37.87 4.12 24.84
C THR B 141 -36.57 4.89 24.65
N VAL B 142 -36.52 5.70 23.59
CA VAL B 142 -35.36 6.55 23.37
C VAL B 142 -35.47 7.78 24.27
N LEU B 143 -34.88 7.69 25.47
CA LEU B 143 -34.93 8.82 26.40
C LEU B 143 -34.04 9.97 25.93
N ASP B 144 -32.92 9.65 25.31
CA ASP B 144 -32.06 10.67 24.74
C ASP B 144 -31.31 10.08 23.55
N TRP B 145 -30.88 10.97 22.66
CA TRP B 145 -30.23 10.56 21.42
C TRP B 145 -29.60 11.78 20.76
N GLN B 146 -28.27 11.85 20.73
CA GLN B 146 -27.63 13.02 20.14
C GLN B 146 -26.19 12.68 19.78
N GLN B 147 -25.54 13.64 19.15
CA GLN B 147 -24.17 13.48 18.66
C GLN B 147 -23.39 14.75 18.95
N SER B 148 -22.07 14.59 19.02
CA SER B 148 -21.19 15.75 19.14
C SER B 148 -21.11 16.48 17.81
N ASP B 149 -20.75 17.76 17.88
CA ASP B 149 -20.56 18.55 16.68
C ASP B 149 -19.19 18.25 16.07
N ARG B 150 -18.17 18.97 16.52
CA ARG B 150 -16.81 18.77 16.06
C ARG B 150 -15.88 18.87 17.25
N TRP B 151 -14.81 18.08 17.23
CA TRP B 151 -13.86 18.05 18.34
C TRP B 151 -12.45 18.26 17.81
N SER B 152 -11.52 18.48 18.74
CA SER B 152 -10.12 18.71 18.42
C SER B 152 -9.33 17.42 18.28
N LEU B 153 -9.97 16.26 18.45
CA LEU B 153 -9.27 14.98 18.33
C LEU B 153 -9.06 14.63 16.86
N MET B 154 -8.09 13.74 16.62
CA MET B 154 -7.78 13.22 15.28
C MET B 154 -7.45 14.33 14.30
N ARG B 155 -6.57 15.24 14.73
CA ARG B 155 -6.11 16.34 13.90
C ARG B 155 -4.59 16.34 13.74
N GLY B 156 -3.93 15.23 14.05
CA GLY B 156 -2.51 15.10 13.80
C GLY B 156 -1.72 14.55 14.97
N ILE B 157 -2.19 14.80 16.19
CA ILE B 157 -1.49 14.40 17.40
C ILE B 157 -2.41 13.54 18.25
N TYR B 158 -1.83 12.98 19.32
CA TYR B 158 -2.54 12.16 20.30
C TYR B 158 -2.10 12.62 21.68
N SER B 159 -2.81 13.61 22.24
CA SER B 159 -2.49 14.16 23.55
C SER B 159 -3.50 13.66 24.56
N SER B 160 -3.03 12.92 25.57
CA SER B 160 -3.94 12.40 26.58
C SER B 160 -4.67 13.52 27.31
N SER B 161 -4.00 14.66 27.51
CA SER B 161 -4.66 15.78 28.17
C SER B 161 -5.82 16.29 27.33
N VAL B 162 -5.65 16.34 26.01
CA VAL B 162 -6.72 16.79 25.13
C VAL B 162 -7.85 15.76 25.08
N TYR B 163 -7.52 14.47 25.04
CA TYR B 163 -8.55 13.44 25.10
C TYR B 163 -9.33 13.52 26.40
N LEU B 164 -8.63 13.70 27.53
CA LEU B 164 -9.30 13.84 28.81
C LEU B 164 -10.28 15.01 28.79
N GLU B 165 -9.86 16.15 28.24
CA GLU B 165 -10.75 17.30 28.21
C GLU B 165 -11.97 17.05 27.34
N GLU B 166 -11.77 16.46 26.16
CA GLU B 166 -12.88 16.24 25.24
C GLU B 166 -13.86 15.20 25.79
N ILE B 167 -13.34 14.08 26.29
CA ILE B 167 -14.21 13.00 26.75
C ILE B 167 -14.93 13.38 28.04
N SER B 168 -14.27 14.16 28.92
CA SER B 168 -14.95 14.63 30.12
C SER B 168 -16.12 15.54 29.76
N SER B 169 -15.95 16.36 28.74
CA SER B 169 -17.03 17.24 28.30
C SER B 169 -18.18 16.44 27.70
N ILE B 170 -17.87 15.40 26.94
CA ILE B 170 -18.90 14.55 26.35
C ILE B 170 -19.68 13.83 27.44
N ILE B 171 -18.97 13.25 28.41
CA ILE B 171 -19.61 12.48 29.47
C ILE B 171 -20.49 13.37 30.35
N SER B 172 -20.12 14.64 30.52
CA SER B 172 -20.92 15.54 31.35
C SER B 172 -22.31 15.77 30.77
N LYS B 173 -22.52 15.44 29.50
CA LYS B 173 -23.83 15.58 28.88
C LYS B 173 -24.65 14.30 28.91
N MET B 174 -24.08 13.21 29.42
CA MET B 174 -24.77 11.93 29.40
C MET B 174 -25.49 11.69 30.72
N PRO B 175 -26.69 11.12 30.66
CA PRO B 175 -27.37 10.71 31.89
C PRO B 175 -26.76 9.43 32.43
N LYS B 176 -27.15 9.10 33.67
CA LYS B 176 -26.76 7.85 34.27
C LYS B 176 -27.49 6.68 33.61
N ALA B 177 -26.83 5.52 33.60
CA ALA B 177 -27.46 4.31 33.09
C ALA B 177 -26.82 3.12 33.78
N ASP B 178 -27.48 1.96 33.66
CA ASP B 178 -26.94 0.75 34.27
C ASP B 178 -25.70 0.26 33.53
N PHE B 179 -25.70 0.36 32.21
CA PHE B 179 -24.53 -0.03 31.41
C PHE B 179 -24.29 1.00 30.32
N TYR B 180 -23.02 1.10 29.93
CA TYR B 180 -22.60 1.91 28.80
C TYR B 180 -21.96 0.98 27.78
N VAL B 181 -22.57 0.89 26.61
CA VAL B 181 -22.17 -0.10 25.60
C VAL B 181 -21.38 0.63 24.51
N LEU B 182 -20.14 0.20 24.29
CA LEU B 182 -19.31 0.72 23.22
C LEU B 182 -19.22 -0.28 22.09
N GLU B 183 -18.95 0.23 20.89
CA GLU B 183 -18.73 -0.62 19.74
C GLU B 183 -17.37 -1.30 19.82
N LYS B 184 -17.32 -2.57 19.46
CA LYS B 184 -16.08 -3.30 19.24
C LYS B 184 -15.96 -3.56 17.75
N THR B 185 -15.06 -2.85 17.08
CA THR B 185 -14.86 -3.01 15.65
C THR B 185 -13.86 -4.12 15.36
N GLY B 186 -13.76 -4.48 14.08
CA GLY B 186 -12.88 -5.54 13.65
C GLY B 186 -11.48 -5.12 13.27
N LEU B 187 -11.09 -3.88 13.56
CA LEU B 187 -9.74 -3.43 13.22
C LEU B 187 -8.70 -4.22 14.00
N SER B 188 -7.71 -4.75 13.27
CA SER B 188 -6.66 -5.58 13.84
C SER B 188 -5.34 -4.82 13.84
N ILE B 189 -4.55 -5.04 14.90
CA ILE B 189 -3.21 -4.45 14.96
C ILE B 189 -2.33 -4.98 13.84
N GLN B 190 -2.67 -6.14 13.27
CA GLN B 190 -1.92 -6.71 12.16
C GLN B 190 -2.02 -5.86 10.90
N ASN B 191 -2.98 -4.93 10.83
CA ASN B 191 -3.19 -4.09 9.65
C ASN B 191 -2.54 -2.74 9.93
N SER B 192 -1.31 -2.56 9.46
CA SER B 192 -0.53 -1.38 9.80
C SER B 192 -1.08 -0.10 9.20
N SER B 193 -1.84 -0.18 8.11
CA SER B 193 -2.33 1.03 7.45
C SER B 193 -3.35 1.77 8.30
N LEU B 194 -4.03 1.09 9.22
CA LEU B 194 -5.10 1.69 9.99
C LEU B 194 -4.69 2.05 11.41
N PHE B 195 -3.40 2.04 11.71
CA PHE B 195 -2.98 2.27 13.09
C PHE B 195 -3.39 3.64 13.64
N PRO B 196 -3.34 4.74 12.87
CA PRO B 196 -3.84 6.01 13.44
C PRO B 196 -5.28 5.92 13.92
N ILE B 197 -6.16 5.28 13.15
CA ILE B 197 -7.55 5.14 13.57
C ILE B 197 -7.67 4.14 14.72
N LEU B 198 -6.93 3.04 14.65
CA LEU B 198 -6.97 2.07 15.73
C LEU B 198 -6.48 2.66 17.05
N LEU B 199 -5.43 3.49 16.97
CA LEU B 199 -4.93 4.16 18.17
C LEU B 199 -5.97 5.10 18.75
N HIS B 200 -6.61 5.90 17.89
CA HIS B 200 -7.69 6.77 18.33
C HIS B 200 -8.81 5.99 19.01
N PHE B 201 -9.24 4.89 18.39
CA PHE B 201 -10.34 4.11 18.96
C PHE B 201 -9.97 3.53 20.32
N HIS B 202 -8.73 3.08 20.49
CA HIS B 202 -8.34 2.47 21.75
C HIS B 202 -8.16 3.52 22.85
N ILE B 203 -7.74 4.74 22.49
CA ILE B 203 -7.65 5.79 23.50
C ILE B 203 -9.04 6.23 23.94
N MET B 204 -9.96 6.39 22.98
CA MET B 204 -11.35 6.68 23.29
C MET B 204 -11.94 5.63 24.21
N GLU B 205 -11.79 4.36 23.84
CA GLU B 205 -12.33 3.26 24.62
C GLU B 205 -11.72 3.20 26.02
N ALA B 206 -10.39 3.36 26.12
CA ALA B 206 -9.73 3.28 27.42
C ALA B 206 -10.25 4.35 28.36
N MET B 207 -10.41 5.58 27.87
CA MET B 207 -10.88 6.64 28.75
C MET B 207 -12.37 6.53 29.06
N LEU B 208 -13.15 6.00 28.12
CA LEU B 208 -14.56 5.77 28.40
C LEU B 208 -14.72 4.67 29.45
N TYR B 209 -13.95 3.58 29.33
CA TYR B 209 -13.97 2.54 30.35
C TYR B 209 -13.59 3.10 31.71
N ALA B 210 -12.60 4.00 31.74
CA ALA B 210 -12.10 4.51 33.01
C ALA B 210 -13.10 5.48 33.63
N LEU B 211 -13.65 6.39 32.83
CA LEU B 211 -14.45 7.50 33.33
C LEU B 211 -15.91 7.15 33.55
N LEU B 212 -16.45 6.17 32.84
CA LEU B 212 -17.85 5.79 33.03
C LEU B 212 -18.04 4.67 34.06
N ASN B 213 -16.95 4.16 34.65
CA ASN B 213 -17.03 3.16 35.70
C ASN B 213 -16.82 3.86 37.04
N LYS B 214 -17.87 4.56 37.49
CA LYS B 214 -17.74 5.40 38.67
C LYS B 214 -17.70 4.63 39.98
N THR B 215 -18.19 3.38 40.00
CA THR B 215 -18.13 2.57 41.21
C THR B 215 -17.18 1.38 41.11
N PHE B 216 -16.60 1.12 39.93
CA PHE B 216 -15.77 -0.07 39.73
C PHE B 216 -14.67 -0.18 40.78
N ALA B 217 -14.08 0.96 41.17
CA ALA B 217 -12.96 0.93 42.11
C ALA B 217 -13.35 0.35 43.47
N GLN B 218 -14.65 0.33 43.80
CA GLN B 218 -15.11 -0.20 45.08
C GLN B 218 -15.59 -1.65 44.99
N ASP B 219 -16.36 -2.00 43.96
CA ASP B 219 -16.97 -3.32 43.89
C ASP B 219 -16.45 -4.18 42.75
N GLY B 220 -15.70 -3.60 41.81
CA GLY B 220 -15.16 -4.39 40.72
C GLY B 220 -16.18 -4.89 39.73
N GLN B 221 -17.34 -4.25 39.65
CA GLN B 221 -18.39 -4.63 38.72
C GLN B 221 -18.31 -3.75 37.48
N HIS B 222 -18.01 -4.36 36.34
CA HIS B 222 -17.93 -3.62 35.09
C HIS B 222 -19.28 -3.05 34.69
N GLN B 223 -19.29 -1.77 34.32
CA GLN B 223 -20.46 -1.12 33.76
C GLN B 223 -20.28 -0.69 32.32
N VAL B 224 -19.07 -0.78 31.77
CA VAL B 224 -18.82 -0.42 30.37
C VAL B 224 -18.54 -1.70 29.62
N LEU B 225 -19.30 -1.96 28.56
CA LEU B 225 -19.20 -3.17 27.76
C LEU B 225 -18.87 -2.82 26.33
N SER B 226 -18.27 -3.78 25.64
CA SER B 226 -17.93 -3.66 24.22
C SER B 226 -18.75 -4.67 23.45
N MET B 227 -19.54 -4.19 22.49
CA MET B 227 -20.45 -5.04 21.72
C MET B 227 -19.93 -5.18 20.29
N ASN B 228 -19.90 -6.41 19.81
CA ASN B 228 -19.31 -6.70 18.50
C ASN B 228 -20.10 -6.03 17.38
N ARG B 229 -19.44 -5.12 16.65
CA ARG B 229 -20.10 -4.38 15.58
C ARG B 229 -20.56 -5.31 14.46
N ASN B 230 -19.74 -6.32 14.13
CA ASN B 230 -20.11 -7.25 13.08
C ASN B 230 -21.36 -8.05 13.43
N ALA B 231 -21.49 -8.45 14.70
CA ALA B 231 -22.67 -9.19 15.13
C ALA B 231 -23.92 -8.32 15.06
N VAL B 232 -23.81 -7.05 15.47
CA VAL B 232 -24.93 -6.14 15.32
C VAL B 232 -25.29 -5.98 13.84
N GLY B 233 -24.28 -5.92 12.98
CA GLY B 233 -24.52 -5.86 11.55
C GLY B 233 -25.35 -7.04 11.05
N LYS B 234 -24.94 -8.25 11.41
CA LYS B 234 -25.68 -9.44 10.98
C LYS B 234 -27.09 -9.47 11.57
N HIS B 235 -27.27 -8.92 12.76
CA HIS B 235 -28.58 -8.95 13.40
C HIS B 235 -29.60 -8.13 12.63
N PHE B 236 -29.17 -6.99 12.08
CA PHE B 236 -30.04 -6.15 11.27
C PHE B 236 -29.90 -6.41 9.77
N GLU B 237 -29.24 -7.51 9.38
CA GLU B 237 -29.10 -7.91 7.99
C GLU B 237 -28.48 -6.81 7.13
N LEU B 238 -27.53 -6.08 7.70
CA LEU B 238 -26.86 -4.98 7.02
C LEU B 238 -25.59 -5.42 6.30
N MET B 239 -25.18 -6.69 6.44
CA MET B 239 -23.91 -7.14 5.89
C MET B 239 -24.05 -7.44 4.40
N ILE B 240 -23.13 -6.93 3.61
CA ILE B 240 -22.90 -7.38 2.24
C ILE B 240 -21.47 -7.88 2.20
N GLY B 241 -21.31 -9.20 2.13
CA GLY B 241 -20.00 -9.80 2.31
C GLY B 241 -19.59 -9.78 3.76
N ASP B 242 -18.45 -9.16 4.06
CA ASP B 242 -18.02 -8.95 5.44
C ASP B 242 -18.02 -7.48 5.82
N SER B 243 -18.56 -6.62 4.97
CA SER B 243 -18.67 -5.20 5.23
C SER B 243 -20.09 -4.83 5.64
N ARG B 244 -20.22 -3.88 6.55
CA ARG B 244 -21.51 -3.44 7.05
C ARG B 244 -21.97 -2.21 6.29
N THR B 245 -23.17 -2.27 5.73
CA THR B 245 -23.75 -1.13 5.03
C THR B 245 -24.49 -0.22 6.00
N SER B 246 -24.93 0.93 5.49
CA SER B 246 -25.48 1.97 6.33
C SER B 246 -26.85 1.58 6.89
N GLY B 247 -27.06 1.87 8.16
CA GLY B 247 -28.33 1.64 8.82
C GLY B 247 -29.34 2.75 8.65
N LYS B 248 -29.06 3.73 7.77
CA LYS B 248 -29.92 4.90 7.64
C LYS B 248 -31.35 4.52 7.29
N GLU B 249 -31.53 3.56 6.37
CA GLU B 249 -32.88 3.15 5.97
C GLU B 249 -33.66 2.59 7.16
N LEU B 250 -33.01 1.74 7.96
CA LEU B 250 -33.66 1.19 9.14
C LEU B 250 -34.13 2.29 10.08
N VAL B 251 -33.23 3.21 10.42
CA VAL B 251 -33.58 4.28 11.36
C VAL B 251 -34.67 5.17 10.78
N LYS B 252 -34.58 5.49 9.49
CA LYS B 252 -35.66 6.24 8.85
C LYS B 252 -36.99 5.51 8.99
N GLN B 253 -36.98 4.18 8.78
CA GLN B 253 -38.19 3.39 8.97
C GLN B 253 -38.68 3.45 10.41
N PHE B 254 -37.75 3.41 11.37
CA PHE B 254 -38.15 3.44 12.78
C PHE B 254 -38.76 4.78 13.17
N LEU B 255 -38.26 5.87 12.59
CA LEU B 255 -38.69 7.21 12.99
C LEU B 255 -39.94 7.69 12.27
N PHE B 256 -40.20 7.21 11.06
CA PHE B 256 -41.29 7.71 10.23
C PHE B 256 -42.24 6.60 9.82
N ASP B 257 -42.53 5.67 10.73
CA ASP B 257 -43.41 4.54 10.43
C ASP B 257 -44.84 4.95 10.76
N SER B 258 -45.66 5.11 9.72
CA SER B 258 -47.04 5.54 9.88
C SER B 258 -48.05 4.45 9.53
N ILE B 259 -47.59 3.21 9.40
CA ILE B 259 -48.51 2.09 9.15
C ILE B 259 -49.07 1.53 10.45
N LEU B 260 -48.18 1.28 11.43
CA LEU B 260 -48.58 0.82 12.76
C LEU B 260 -49.37 -0.49 12.69
N LYS B 261 -48.80 -1.48 12.00
CA LYS B 261 -49.39 -2.82 11.95
C LYS B 261 -48.40 -3.89 12.40
N ALA B 262 -47.23 -3.49 12.90
CA ALA B 262 -46.27 -4.40 13.52
C ALA B 262 -45.85 -3.81 14.85
N ASP B 263 -45.42 -4.68 15.76
CA ASP B 263 -44.94 -4.21 17.05
C ASP B 263 -43.63 -3.45 16.85
N PRO B 264 -43.56 -2.17 17.19
CA PRO B 264 -42.31 -1.42 16.97
C PRO B 264 -41.19 -1.98 17.82
N ARG B 265 -39.99 -1.92 17.26
CA ARG B 265 -38.80 -2.40 17.95
C ARG B 265 -38.16 -1.32 18.80
N VAL B 266 -38.61 -0.07 18.67
CA VAL B 266 -38.10 1.04 19.47
C VAL B 266 -39.19 2.10 19.50
N PHE B 267 -39.26 2.85 20.59
CA PHE B 267 -40.31 3.84 20.81
C PHE B 267 -39.68 5.21 21.04
N PHE B 268 -40.19 6.23 20.34
CA PHE B 268 -39.78 7.61 20.56
C PHE B 268 -40.87 8.34 21.31
N PRO B 269 -40.59 8.93 22.48
CA PRO B 269 -41.63 9.64 23.22
C PRO B 269 -42.11 10.88 22.48
N SER B 270 -43.33 11.30 22.82
CA SER B 270 -44.00 12.37 22.09
C SER B 270 -43.27 13.71 22.23
N ASP B 271 -42.81 14.02 23.44
CA ASP B 271 -42.08 15.27 23.66
C ASP B 271 -40.72 15.27 22.96
N LYS B 272 -40.27 14.12 22.44
CA LYS B 272 -38.98 14.01 21.79
C LYS B 272 -39.05 13.63 20.33
N ILE B 273 -40.13 12.96 19.90
CA ILE B 273 -40.19 12.45 18.52
C ILE B 273 -40.20 13.59 17.52
N VAL B 274 -40.68 14.77 17.93
CA VAL B 274 -40.60 15.94 17.06
C VAL B 274 -39.15 16.32 16.82
N HIS B 275 -38.34 16.32 17.89
CA HIS B 275 -36.95 16.75 17.77
C HIS B 275 -36.12 15.70 17.04
N TYR B 276 -36.39 14.42 17.28
CA TYR B 276 -35.61 13.36 16.63
C TYR B 276 -35.81 13.37 15.11
N ARG B 277 -37.01 13.70 14.64
CA ARG B 277 -37.25 13.70 13.21
C ARG B 277 -36.54 14.85 12.52
N GLN B 278 -36.60 16.05 13.11
CA GLN B 278 -35.88 17.18 12.53
C GLN B 278 -34.38 17.05 12.72
N MET B 279 -33.92 16.28 13.71
CA MET B 279 -32.51 15.94 13.80
C MET B 279 -32.09 15.09 12.61
N PHE B 280 -32.91 14.08 12.27
CA PHE B 280 -32.59 13.20 11.15
C PHE B 280 -32.56 13.96 9.84
N LEU B 281 -33.55 14.83 9.61
CA LEU B 281 -33.64 15.54 8.33
C LEU B 281 -32.53 16.55 8.18
N SER B 282 -32.18 17.25 9.26
CA SER B 282 -31.09 18.21 9.19
C SER B 282 -29.75 17.53 9.01
N THR B 283 -29.63 16.27 9.44
CA THR B 283 -28.41 15.50 9.31
C THR B 283 -28.45 14.52 8.15
N GLU B 284 -29.58 14.43 7.43
CA GLU B 284 -29.68 13.52 6.30
C GLU B 284 -28.66 13.87 5.22
N LEU B 285 -28.26 15.13 5.12
CA LEU B 285 -27.34 15.59 4.09
C LEU B 285 -25.88 15.47 4.50
N GLN B 286 -25.59 14.87 5.66
CA GLN B 286 -24.23 14.81 6.17
C GLN B 286 -23.89 13.39 6.61
N ARG B 287 -22.61 13.13 6.80
CA ARG B 287 -22.11 11.84 7.28
C ARG B 287 -22.41 11.71 8.76
N VAL B 288 -23.48 11.01 9.10
CA VAL B 288 -23.92 10.92 10.50
C VAL B 288 -24.16 9.46 10.85
N GLU B 289 -23.27 8.58 10.40
CA GLU B 289 -23.46 7.14 10.64
C GLU B 289 -23.38 6.80 12.12
N GLU B 290 -22.55 7.52 12.88
CA GLU B 290 -22.46 7.26 14.32
C GLU B 290 -23.81 7.41 14.99
N LEU B 291 -24.58 8.43 14.60
CA LEU B 291 -25.91 8.63 15.18
C LEU B 291 -26.81 7.44 14.89
N TYR B 292 -26.82 6.96 13.64
CA TYR B 292 -27.64 5.80 13.31
C TYR B 292 -27.15 4.56 14.06
N ASP B 293 -25.84 4.35 14.11
CA ASP B 293 -25.30 3.14 14.71
C ASP B 293 -25.48 3.12 16.23
N SER B 294 -25.45 4.28 16.88
CA SER B 294 -25.69 4.30 18.32
C SER B 294 -27.10 3.82 18.66
N LEU B 295 -28.08 4.23 17.85
CA LEU B 295 -29.45 3.77 18.08
C LEU B 295 -29.59 2.29 17.78
N LEU B 296 -29.04 1.84 16.65
CA LEU B 296 -29.15 0.43 16.28
C LEU B 296 -28.47 -0.47 17.31
N GLN B 297 -27.32 -0.05 17.83
CA GLN B 297 -26.63 -0.86 18.82
C GLN B 297 -27.43 -0.97 20.11
N ALA B 298 -28.15 0.09 20.51
CA ALA B 298 -28.98 0.02 21.70
C ALA B 298 -30.11 -0.99 21.53
N ILE B 299 -30.78 -0.96 20.38
CA ILE B 299 -31.85 -1.91 20.12
C ILE B 299 -31.32 -3.34 20.12
N ALA B 300 -30.19 -3.56 19.43
CA ALA B 300 -29.60 -4.90 19.37
C ALA B 300 -29.21 -5.41 20.75
N PHE B 301 -28.75 -4.51 21.64
CA PHE B 301 -28.38 -4.94 22.98
C PHE B 301 -29.59 -5.51 23.72
N TYR B 302 -30.74 -4.85 23.63
CA TYR B 302 -31.93 -5.37 24.31
C TYR B 302 -32.42 -6.66 23.65
N GLU B 303 -32.40 -6.72 22.32
CA GLU B 303 -32.95 -7.88 21.64
C GLU B 303 -32.07 -9.11 21.77
N LEU B 304 -30.76 -8.92 21.89
CA LEU B 304 -29.82 -10.04 21.90
C LEU B 304 -29.33 -10.42 23.29
N ALA B 305 -29.30 -9.49 24.24
CA ALA B 305 -28.74 -9.75 25.56
C ALA B 305 -29.73 -9.63 26.69
N VAL B 306 -30.81 -8.87 26.55
CA VAL B 306 -31.77 -8.65 27.61
C VAL B 306 -33.01 -9.52 27.45
N PHE B 307 -33.59 -9.54 26.26
CA PHE B 307 -34.80 -10.33 25.99
C PHE B 307 -34.46 -11.43 25.00
N ASP B 308 -34.56 -12.69 25.46
CA ASP B 308 -34.20 -13.83 24.64
C ASP B 308 -35.37 -14.80 24.49
N LYS C 104 13.79 8.59 -44.97
CA LYS C 104 13.20 7.81 -46.06
C LYS C 104 13.86 6.44 -46.17
N LEU C 105 15.15 6.41 -46.48
CA LEU C 105 15.87 5.15 -46.56
C LEU C 105 15.98 4.48 -45.20
N LEU C 106 16.40 5.24 -44.19
CA LEU C 106 16.61 4.71 -42.84
C LEU C 106 15.82 5.53 -41.83
N LYS C 107 15.22 4.83 -40.87
CA LYS C 107 14.54 5.43 -39.73
C LYS C 107 14.90 4.61 -38.50
N PRO C 108 15.08 5.25 -37.33
CA PRO C 108 14.99 6.70 -37.09
C PRO C 108 16.20 7.45 -37.64
N ASP C 109 16.16 8.78 -37.57
CA ASP C 109 17.25 9.59 -38.08
C ASP C 109 18.49 9.42 -37.21
N ILE C 110 19.60 9.05 -37.83
CA ILE C 110 20.87 8.83 -37.14
C ILE C 110 21.86 9.87 -37.62
N GLU C 111 22.64 10.42 -36.68
CA GLU C 111 23.66 11.40 -37.03
C GLU C 111 24.62 10.82 -38.06
N ARG C 112 24.96 11.65 -39.06
CA ARG C 112 25.81 11.19 -40.15
C ARG C 112 27.17 10.68 -39.65
N GLU C 113 27.69 11.31 -38.59
CA GLU C 113 28.99 10.89 -38.07
C GLU C 113 28.93 9.47 -37.50
N ARG C 114 27.82 9.12 -36.84
CA ARG C 114 27.67 7.77 -36.29
C ARG C 114 27.60 6.74 -37.39
N LEU C 115 26.86 7.02 -38.47
CA LEU C 115 26.71 6.05 -39.54
C LEU C 115 28.04 5.79 -40.24
N LYS C 116 28.75 6.85 -40.62
CA LYS C 116 29.97 6.68 -41.40
C LYS C 116 31.13 6.11 -40.57
N ALA C 117 30.97 5.99 -39.25
CA ALA C 117 32.01 5.45 -38.40
C ALA C 117 31.68 4.05 -37.88
N VAL C 118 30.68 3.39 -38.46
CA VAL C 118 30.28 2.07 -37.99
C VAL C 118 31.39 1.06 -38.26
N ASN C 119 31.60 0.14 -37.31
CA ASN C 119 32.56 -0.93 -37.50
C ASN C 119 31.90 -2.20 -38.03
N SER C 120 30.71 -2.53 -37.54
CA SER C 120 30.00 -3.71 -38.00
C SER C 120 28.51 -3.52 -37.75
N ILE C 121 27.70 -4.17 -38.59
CA ILE C 121 26.26 -4.18 -38.43
C ILE C 121 25.78 -5.62 -38.48
N ILE C 122 24.58 -5.84 -37.97
CA ILE C 122 23.86 -7.08 -38.15
C ILE C 122 22.60 -6.75 -38.94
N SER C 123 22.45 -7.36 -40.10
CA SER C 123 21.29 -7.15 -40.96
C SER C 123 20.30 -8.28 -40.73
N ILE C 124 19.06 -7.93 -40.39
CA ILE C 124 18.05 -8.91 -39.98
C ILE C 124 16.86 -8.82 -40.93
N VAL C 125 16.45 -9.96 -41.46
CA VAL C 125 15.25 -10.08 -42.29
C VAL C 125 14.48 -11.31 -41.81
N PHE C 126 13.18 -11.13 -41.55
CA PHE C 126 12.36 -12.23 -41.09
C PHE C 126 11.15 -12.39 -42.00
N GLY C 127 10.66 -13.62 -42.07
CA GLY C 127 9.42 -13.92 -42.75
C GLY C 127 8.40 -14.51 -41.80
N THR C 128 7.44 -15.27 -42.33
CA THR C 128 6.42 -15.87 -41.49
C THR C 128 6.89 -17.14 -40.79
N ARG C 129 7.93 -17.79 -41.32
CA ARG C 129 8.42 -19.04 -40.75
C ARG C 129 9.90 -19.02 -40.38
N ARG C 130 10.68 -18.09 -40.91
CA ARG C 130 12.11 -18.07 -40.70
C ARG C 130 12.57 -16.65 -40.43
N ILE C 131 13.69 -16.54 -39.72
CA ILE C 131 14.44 -15.30 -39.63
C ILE C 131 15.87 -15.61 -40.08
N ALA C 132 16.51 -14.62 -40.70
CA ALA C 132 17.90 -14.74 -41.09
C ALA C 132 18.62 -13.45 -40.75
N TRP C 133 19.93 -13.55 -40.53
CA TRP C 133 20.73 -12.37 -40.26
C TRP C 133 22.13 -12.57 -40.81
N ALA C 134 22.80 -11.44 -41.07
CA ALA C 134 24.15 -11.43 -41.59
C ALA C 134 24.96 -10.39 -40.84
N HIS C 135 26.13 -10.78 -40.37
CA HIS C 135 27.04 -9.89 -39.66
C HIS C 135 28.15 -9.47 -40.62
N LEU C 136 28.15 -8.21 -41.04
CA LEU C 136 29.15 -7.67 -41.95
C LEU C 136 29.87 -6.50 -41.30
N ASP C 137 31.20 -6.49 -41.39
CA ASP C 137 31.98 -5.37 -40.89
C ASP C 137 32.19 -4.33 -41.99
N ARG C 138 32.88 -3.23 -41.65
CA ARG C 138 33.01 -2.13 -42.59
C ARG C 138 34.01 -2.44 -43.72
N LYS C 139 34.73 -3.55 -43.63
CA LYS C 139 35.47 -4.09 -44.77
C LYS C 139 34.60 -4.95 -45.67
N LEU C 140 33.28 -4.94 -45.44
CA LEU C 140 32.32 -5.73 -46.22
C LEU C 140 32.60 -7.23 -46.12
N THR C 141 33.14 -7.66 -44.98
CA THR C 141 33.42 -9.07 -44.71
C THR C 141 32.23 -9.71 -44.03
N VAL C 142 31.78 -10.85 -44.56
CA VAL C 142 30.66 -11.57 -43.97
C VAL C 142 31.15 -12.41 -42.80
N LEU C 143 31.14 -11.83 -41.60
CA LEU C 143 31.63 -12.54 -40.43
C LEU C 143 30.68 -13.65 -39.98
N ASP C 144 29.38 -13.49 -40.25
CA ASP C 144 28.43 -14.56 -39.96
C ASP C 144 27.19 -14.36 -40.82
N TRP C 145 26.47 -15.46 -41.04
CA TRP C 145 25.37 -15.50 -41.98
C TRP C 145 24.60 -16.81 -41.78
N GLN C 146 23.39 -16.72 -41.25
CA GLN C 146 22.64 -17.94 -40.97
C GLN C 146 21.16 -17.60 -40.82
N GLN C 147 20.36 -18.65 -40.67
CA GLN C 147 18.92 -18.53 -40.50
C GLN C 147 18.46 -19.49 -39.40
N SER C 148 17.35 -19.14 -38.76
CA SER C 148 16.79 -20.00 -37.73
C SER C 148 16.00 -21.14 -38.36
N ASP C 149 14.98 -20.82 -39.15
CA ASP C 149 14.19 -21.79 -39.91
C ASP C 149 13.52 -22.82 -39.00
N ARG C 150 13.23 -22.44 -37.76
CA ARG C 150 12.76 -23.39 -36.75
C ARG C 150 12.18 -22.58 -35.58
N TRP C 151 10.90 -22.27 -35.66
CA TRP C 151 10.25 -21.59 -34.54
C TRP C 151 8.78 -21.97 -34.49
N SER C 152 8.16 -21.66 -33.36
CA SER C 152 6.74 -21.89 -33.13
C SER C 152 5.92 -20.62 -33.27
N LEU C 153 6.51 -19.54 -33.79
CA LEU C 153 5.78 -18.31 -34.01
C LEU C 153 4.80 -18.48 -35.16
N MET C 154 3.96 -17.46 -35.36
CA MET C 154 2.81 -17.53 -36.28
C MET C 154 1.94 -18.67 -35.79
N ARG C 155 1.49 -19.57 -36.67
CA ARG C 155 0.77 -20.79 -36.27
C ARG C 155 -0.51 -20.49 -35.49
N GLY C 156 -1.11 -19.31 -35.71
CA GLY C 156 -2.44 -19.00 -35.25
C GLY C 156 -2.52 -18.17 -33.99
N ILE C 157 -1.53 -18.26 -33.11
CA ILE C 157 -1.58 -17.57 -31.82
C ILE C 157 -0.52 -16.47 -31.80
N TYR C 158 -0.82 -15.40 -31.04
CA TYR C 158 0.09 -14.26 -30.88
C TYR C 158 0.31 -14.05 -29.38
N SER C 159 1.16 -14.89 -28.79
CA SER C 159 1.49 -14.81 -27.37
C SER C 159 2.79 -14.04 -27.21
N SER C 160 2.72 -12.93 -26.47
CA SER C 160 3.92 -12.11 -26.27
C SER C 160 5.00 -12.88 -25.52
N SER C 161 4.61 -13.79 -24.62
CA SER C 161 5.60 -14.59 -23.91
C SER C 161 6.35 -15.52 -24.87
N VAL C 162 5.63 -16.14 -25.81
CA VAL C 162 6.27 -17.01 -26.78
C VAL C 162 7.21 -16.21 -27.68
N TYR C 163 6.74 -15.05 -28.15
CA TYR C 163 7.61 -14.17 -28.94
C TYR C 163 8.85 -13.78 -28.14
N LEU C 164 8.69 -13.50 -26.85
CA LEU C 164 9.85 -13.16 -26.03
C LEU C 164 10.83 -14.32 -25.95
N GLU C 165 10.32 -15.53 -25.70
CA GLU C 165 11.21 -16.69 -25.61
C GLU C 165 11.88 -16.97 -26.94
N GLU C 166 11.14 -16.85 -28.04
CA GLU C 166 11.69 -17.18 -29.36
C GLU C 166 12.74 -16.15 -29.78
N ILE C 167 12.44 -14.87 -29.60
CA ILE C 167 13.35 -13.82 -30.04
C ILE C 167 14.57 -13.74 -29.12
N SER C 168 14.38 -13.97 -27.82
CA SER C 168 15.49 -13.97 -26.88
C SER C 168 16.56 -14.97 -27.29
N SER C 169 16.14 -16.21 -27.61
CA SER C 169 17.13 -17.23 -27.95
C SER C 169 17.76 -16.99 -29.31
N ILE C 170 17.04 -16.32 -30.22
CA ILE C 170 17.61 -15.99 -31.52
C ILE C 170 18.73 -14.97 -31.37
N ILE C 171 18.48 -13.88 -30.64
CA ILE C 171 19.51 -12.85 -30.50
C ILE C 171 20.62 -13.27 -29.57
N SER C 172 20.44 -14.34 -28.78
CA SER C 172 21.55 -14.86 -27.99
C SER C 172 22.62 -15.50 -28.87
N LYS C 173 22.27 -15.86 -30.11
CA LYS C 173 23.24 -16.38 -31.07
C LYS C 173 23.90 -15.28 -31.90
N MET C 174 23.54 -14.02 -31.66
CA MET C 174 24.11 -12.95 -32.45
C MET C 174 25.30 -12.31 -31.74
N PRO C 175 26.33 -11.92 -32.48
CA PRO C 175 27.43 -11.16 -31.88
C PRO C 175 27.00 -9.71 -31.64
N LYS C 176 27.86 -9.00 -30.91
CA LYS C 176 27.66 -7.57 -30.74
C LYS C 176 27.93 -6.85 -32.05
N ALA C 177 27.21 -5.75 -32.27
CA ALA C 177 27.41 -4.95 -33.47
C ALA C 177 26.98 -3.51 -33.17
N ASP C 178 27.48 -2.59 -34.00
CA ASP C 178 27.19 -1.18 -33.80
C ASP C 178 25.74 -0.85 -34.13
N PHE C 179 25.20 -1.40 -35.22
CA PHE C 179 23.81 -1.19 -35.58
C PHE C 179 23.17 -2.51 -35.98
N TYR C 180 21.86 -2.59 -35.72
CA TYR C 180 21.04 -3.73 -36.11
C TYR C 180 20.00 -3.19 -37.07
N VAL C 181 20.08 -3.63 -38.33
CA VAL C 181 19.26 -3.10 -39.41
C VAL C 181 18.14 -4.09 -39.69
N LEU C 182 16.90 -3.62 -39.58
CA LEU C 182 15.73 -4.42 -39.90
C LEU C 182 15.09 -3.90 -41.18
N GLU C 183 14.29 -4.74 -41.79
CA GLU C 183 13.62 -4.41 -43.03
C GLU C 183 12.33 -3.66 -42.72
N LYS C 184 12.09 -2.57 -43.42
CA LYS C 184 10.82 -1.87 -43.40
C LYS C 184 10.11 -2.18 -44.72
N THR C 185 9.00 -2.89 -44.65
CA THR C 185 8.28 -3.31 -45.85
C THR C 185 7.16 -2.33 -46.17
N GLY C 186 6.39 -2.65 -47.20
CA GLY C 186 5.31 -1.78 -47.66
C GLY C 186 3.94 -2.35 -47.39
N LEU C 187 3.83 -3.21 -46.38
CA LEU C 187 2.54 -3.77 -46.02
C LEU C 187 1.59 -2.67 -45.58
N SER C 188 0.43 -2.59 -46.24
CA SER C 188 -0.56 -1.58 -45.92
C SER C 188 -1.51 -2.08 -44.85
N ILE C 189 -2.02 -1.14 -44.04
CA ILE C 189 -3.02 -1.45 -43.04
C ILE C 189 -4.42 -1.56 -43.62
N GLN C 190 -4.58 -1.30 -44.92
CA GLN C 190 -5.89 -1.27 -45.57
C GLN C 190 -6.35 -2.64 -46.06
N ASN C 191 -5.47 -3.64 -46.07
CA ASN C 191 -5.76 -4.95 -46.66
C ASN C 191 -5.98 -5.96 -45.55
N SER C 192 -7.24 -6.36 -45.35
CA SER C 192 -7.60 -7.19 -44.21
C SER C 192 -6.90 -8.55 -44.26
N SER C 193 -6.73 -9.11 -45.45
CA SER C 193 -6.10 -10.43 -45.57
C SER C 193 -4.63 -10.42 -45.14
N LEU C 194 -4.02 -9.24 -45.03
CA LEU C 194 -2.63 -9.13 -44.62
C LEU C 194 -2.46 -8.81 -43.14
N PHE C 195 -3.56 -8.71 -42.39
CA PHE C 195 -3.45 -8.41 -40.96
C PHE C 195 -2.63 -9.42 -40.17
N PRO C 196 -2.80 -10.74 -40.34
CA PRO C 196 -1.99 -11.69 -39.55
C PRO C 196 -0.49 -11.51 -39.74
N ILE C 197 -0.04 -11.23 -40.97
CA ILE C 197 1.40 -11.08 -41.17
C ILE C 197 1.86 -9.70 -40.70
N LEU C 198 1.04 -8.66 -40.92
CA LEU C 198 1.42 -7.33 -40.47
C LEU C 198 1.54 -7.27 -38.96
N LEU C 199 0.62 -7.93 -38.25
CA LEU C 199 0.73 -8.05 -36.80
C LEU C 199 2.00 -8.79 -36.41
N HIS C 200 2.28 -9.90 -37.10
CA HIS C 200 3.48 -10.67 -36.81
C HIS C 200 4.74 -9.84 -37.00
N PHE C 201 4.82 -9.12 -38.13
CA PHE C 201 6.01 -8.31 -38.39
C PHE C 201 6.19 -7.22 -37.34
N HIS C 202 5.09 -6.59 -36.90
CA HIS C 202 5.20 -5.50 -35.93
C HIS C 202 5.57 -6.01 -34.54
N ILE C 203 5.12 -7.20 -34.16
CA ILE C 203 5.51 -7.75 -32.88
C ILE C 203 6.98 -8.14 -32.91
N MET C 204 7.42 -8.77 -34.02
CA MET C 204 8.84 -9.06 -34.21
C MET C 204 9.69 -7.79 -34.15
N GLU C 205 9.26 -6.76 -34.87
CA GLU C 205 10.01 -5.51 -34.92
C GLU C 205 10.06 -4.84 -33.55
N ALA C 206 8.92 -4.81 -32.84
CA ALA C 206 8.88 -4.17 -31.53
C ALA C 206 9.86 -4.81 -30.57
N MET C 207 9.86 -6.15 -30.51
CA MET C 207 10.73 -6.84 -29.57
C MET C 207 12.20 -6.75 -29.95
N LEU C 208 12.50 -6.77 -31.25
CA LEU C 208 13.88 -6.59 -31.67
C LEU C 208 14.37 -5.19 -31.32
N TYR C 209 13.53 -4.18 -31.53
CA TYR C 209 13.89 -2.82 -31.13
C TYR C 209 14.18 -2.75 -29.65
N ALA C 210 13.35 -3.40 -28.83
CA ALA C 210 13.52 -3.31 -27.38
C ALA C 210 14.71 -4.13 -26.90
N LEU C 211 14.86 -5.35 -27.40
CA LEU C 211 15.87 -6.25 -26.86
C LEU C 211 17.28 -5.96 -27.38
N LEU C 212 17.41 -5.42 -28.58
CA LEU C 212 18.72 -5.13 -29.13
C LEU C 212 19.22 -3.73 -28.78
N ASN C 213 18.36 -2.87 -28.24
CA ASN C 213 18.79 -1.57 -27.71
C ASN C 213 19.15 -1.73 -26.24
N LYS C 214 20.33 -2.33 -26.03
CA LYS C 214 20.73 -2.71 -24.68
C LYS C 214 21.20 -1.53 -23.82
N THR C 215 21.50 -0.39 -24.43
CA THR C 215 21.91 0.79 -23.67
C THR C 215 20.97 1.98 -23.85
N PHE C 216 19.90 1.83 -24.65
CA PHE C 216 19.02 2.95 -24.95
C PHE C 216 18.42 3.56 -23.68
N ALA C 217 18.11 2.74 -22.68
CA ALA C 217 17.51 3.26 -21.46
C ALA C 217 18.46 4.19 -20.71
N GLN C 218 19.76 4.13 -20.96
CA GLN C 218 20.72 5.02 -20.32
C GLN C 218 21.06 6.25 -21.15
N ASP C 219 21.23 6.11 -22.48
CA ASP C 219 21.67 7.21 -23.31
C ASP C 219 20.69 7.63 -24.39
N GLY C 220 19.61 6.88 -24.61
CA GLY C 220 18.65 7.26 -25.63
C GLY C 220 19.20 7.24 -27.05
N GLN C 221 20.27 6.50 -27.29
CA GLN C 221 20.85 6.39 -28.63
C GLN C 221 20.26 5.16 -29.32
N HIS C 222 19.67 5.37 -30.49
CA HIS C 222 19.10 4.26 -31.24
C HIS C 222 20.19 3.42 -31.89
N GLN C 223 20.14 2.10 -31.65
CA GLN C 223 21.00 1.15 -32.33
C GLN C 223 20.28 0.26 -33.33
N VAL C 224 18.95 0.25 -33.31
CA VAL C 224 18.15 -0.58 -34.21
C VAL C 224 17.54 0.35 -35.25
N LEU C 225 17.80 0.05 -36.53
CA LEU C 225 17.31 0.86 -37.63
C LEU C 225 16.41 0.02 -38.53
N SER C 226 15.53 0.71 -39.27
CA SER C 226 14.63 0.07 -40.22
C SER C 226 14.95 0.60 -41.61
N MET C 227 15.27 -0.31 -42.53
CA MET C 227 15.74 0.07 -43.85
C MET C 227 14.68 -0.27 -44.89
N ASN C 228 14.36 0.71 -45.74
CA ASN C 228 13.27 0.57 -46.70
C ASN C 228 13.57 -0.54 -47.70
N ARG C 229 12.68 -1.54 -47.73
CA ARG C 229 12.90 -2.72 -48.57
C ARG C 229 12.86 -2.37 -50.05
N ASN C 230 11.93 -1.52 -50.47
CA ASN C 230 11.85 -1.18 -51.89
C ASN C 230 12.99 -0.26 -52.32
N ALA C 231 13.60 0.47 -51.40
CA ALA C 231 14.80 1.23 -51.76
C ALA C 231 15.97 0.28 -52.00
N VAL C 232 16.08 -0.77 -51.19
CA VAL C 232 17.10 -1.79 -51.43
C VAL C 232 16.84 -2.50 -52.75
N GLY C 233 15.57 -2.71 -53.09
CA GLY C 233 15.26 -3.35 -54.36
C GLY C 233 15.70 -2.52 -55.55
N LYS C 234 15.38 -1.22 -55.54
CA LYS C 234 15.82 -0.34 -56.62
C LYS C 234 17.34 -0.26 -56.69
N HIS C 235 18.02 -0.32 -55.54
CA HIS C 235 19.47 -0.24 -55.52
C HIS C 235 20.09 -1.39 -56.30
N PHE C 236 19.60 -2.61 -56.08
CA PHE C 236 20.11 -3.79 -56.77
C PHE C 236 19.36 -4.07 -58.08
N GLU C 237 18.55 -3.13 -58.55
CA GLU C 237 17.83 -3.26 -59.82
C GLU C 237 16.99 -4.54 -59.87
N LEU C 238 16.23 -4.77 -58.80
CA LEU C 238 15.41 -5.96 -58.65
C LEU C 238 13.93 -5.67 -58.80
N MET C 239 13.56 -4.45 -59.17
CA MET C 239 12.16 -4.05 -59.24
C MET C 239 11.59 -4.33 -60.62
N ILE C 240 10.43 -4.96 -60.66
CA ILE C 240 9.60 -5.05 -61.86
C ILE C 240 8.34 -4.26 -61.57
N GLY C 241 8.31 -3.00 -62.02
CA GLY C 241 7.23 -2.11 -61.65
C GLY C 241 7.32 -1.72 -60.19
N ASP C 242 6.40 -2.24 -59.38
CA ASP C 242 6.39 -1.98 -57.95
C ASP C 242 6.63 -3.24 -57.12
N SER C 243 6.96 -4.35 -57.76
CA SER C 243 7.24 -5.60 -57.07
C SER C 243 8.73 -5.91 -57.16
N ARG C 244 9.27 -6.47 -56.08
CA ARG C 244 10.69 -6.79 -55.98
C ARG C 244 10.89 -8.29 -56.24
N THR C 245 11.75 -8.61 -57.21
CA THR C 245 12.04 -9.99 -57.53
C THR C 245 13.16 -10.53 -56.62
N SER C 246 13.31 -11.85 -56.64
CA SER C 246 14.27 -12.52 -55.78
C SER C 246 15.70 -12.06 -56.07
N GLY C 247 16.50 -11.94 -55.02
CA GLY C 247 17.90 -11.61 -55.16
C GLY C 247 18.78 -12.84 -55.12
N LYS C 248 18.17 -14.00 -55.39
CA LYS C 248 18.91 -15.27 -55.31
C LYS C 248 20.06 -15.30 -56.30
N GLU C 249 19.83 -14.84 -57.53
CA GLU C 249 20.88 -14.88 -58.54
C GLU C 249 22.01 -13.90 -58.22
N LEU C 250 21.68 -12.78 -57.55
CA LEU C 250 22.72 -11.87 -57.07
C LEU C 250 23.63 -12.56 -56.08
N VAL C 251 23.05 -13.17 -55.04
CA VAL C 251 23.83 -13.83 -54.00
C VAL C 251 24.68 -14.95 -54.59
N LYS C 252 24.09 -15.74 -55.48
CA LYS C 252 24.84 -16.82 -56.11
C LYS C 252 26.06 -16.28 -56.86
N GLN C 253 25.89 -15.15 -57.56
CA GLN C 253 27.03 -14.51 -58.22
C GLN C 253 28.09 -14.10 -57.22
N PHE C 254 27.68 -13.44 -56.13
CA PHE C 254 28.65 -13.05 -55.10
C PHE C 254 29.34 -14.29 -54.52
N LEU C 255 28.58 -15.35 -54.30
CA LEU C 255 29.07 -16.48 -53.52
C LEU C 255 29.93 -17.43 -54.34
N PHE C 256 29.65 -17.58 -55.64
CA PHE C 256 30.30 -18.60 -56.45
C PHE C 256 31.15 -18.04 -57.58
N ASP C 257 31.36 -16.73 -57.63
CA ASP C 257 32.18 -16.16 -58.68
C ASP C 257 33.61 -16.69 -58.62
N SER C 258 34.10 -17.18 -59.76
CA SER C 258 35.47 -17.65 -59.88
C SER C 258 36.28 -16.86 -60.89
N ILE C 259 35.66 -15.88 -61.58
CA ILE C 259 36.41 -15.06 -62.52
C ILE C 259 37.29 -14.06 -61.77
N LEU C 260 36.67 -13.27 -60.89
CA LEU C 260 37.38 -12.37 -59.99
C LEU C 260 38.23 -11.36 -60.77
N LYS C 261 37.56 -10.61 -61.63
CA LYS C 261 38.17 -9.51 -62.36
C LYS C 261 37.52 -8.18 -62.06
N ALA C 262 36.68 -8.12 -61.04
CA ALA C 262 36.13 -6.86 -60.54
C ALA C 262 36.32 -6.84 -59.03
N ASP C 263 36.36 -5.63 -58.47
CA ASP C 263 36.43 -5.49 -57.03
C ASP C 263 35.14 -6.03 -56.41
N PRO C 264 35.20 -7.04 -55.55
CA PRO C 264 33.96 -7.59 -54.97
C PRO C 264 33.24 -6.57 -54.10
N ARG C 265 31.91 -6.61 -54.15
CA ARG C 265 31.10 -5.79 -53.27
C ARG C 265 30.96 -6.40 -51.89
N VAL C 266 31.41 -7.65 -51.71
CA VAL C 266 31.25 -8.36 -50.45
C VAL C 266 32.30 -9.45 -50.41
N PHE C 267 32.82 -9.73 -49.21
CA PHE C 267 33.91 -10.68 -49.02
C PHE C 267 33.49 -11.76 -48.04
N PHE C 268 33.75 -13.01 -48.39
CA PHE C 268 33.50 -14.14 -47.52
C PHE C 268 34.83 -14.71 -47.03
N PRO C 269 35.02 -14.86 -45.72
CA PRO C 269 36.30 -15.37 -45.22
C PRO C 269 36.53 -16.81 -45.68
N SER C 270 37.80 -17.20 -45.75
CA SER C 270 38.16 -18.50 -46.29
C SER C 270 37.74 -19.64 -45.36
N ASP C 271 37.75 -19.43 -44.05
CA ASP C 271 37.34 -20.47 -43.12
C ASP C 271 35.82 -20.61 -43.02
N LYS C 272 35.07 -19.77 -43.71
CA LYS C 272 33.61 -19.85 -43.71
C LYS C 272 33.00 -19.98 -45.09
N ILE C 273 33.76 -19.76 -46.17
CA ILE C 273 33.15 -19.66 -47.49
C ILE C 273 32.60 -21.00 -47.94
N VAL C 274 33.29 -22.10 -47.62
CA VAL C 274 32.77 -23.42 -47.96
C VAL C 274 31.44 -23.67 -47.25
N HIS C 275 31.37 -23.28 -45.97
CA HIS C 275 30.11 -23.41 -45.22
C HIS C 275 29.00 -22.60 -45.88
N TYR C 276 29.27 -21.35 -46.22
CA TYR C 276 28.26 -20.50 -46.86
C TYR C 276 27.79 -21.12 -48.18
N ARG C 277 28.73 -21.59 -49.00
CA ARG C 277 28.34 -22.21 -50.26
C ARG C 277 27.56 -23.49 -50.03
N GLN C 278 27.97 -24.29 -49.04
CA GLN C 278 27.21 -25.47 -48.67
C GLN C 278 25.84 -25.09 -48.13
N MET C 279 25.76 -23.98 -47.41
CA MET C 279 24.48 -23.48 -46.92
C MET C 279 23.57 -23.07 -48.08
N PHE C 280 24.13 -22.35 -49.06
CA PHE C 280 23.34 -21.91 -50.20
C PHE C 280 22.81 -23.09 -51.00
N LEU C 281 23.67 -24.06 -51.30
CA LEU C 281 23.26 -25.19 -52.13
C LEU C 281 22.24 -26.06 -51.41
N SER C 282 22.42 -26.27 -50.10
CA SER C 282 21.53 -27.15 -49.37
C SER C 282 20.12 -26.59 -49.23
N THR C 283 19.94 -25.28 -49.43
CA THR C 283 18.63 -24.64 -49.36
C THR C 283 18.19 -24.09 -50.71
N GLU C 284 18.88 -24.45 -51.79
CA GLU C 284 18.62 -23.86 -53.10
C GLU C 284 17.22 -24.21 -53.62
N LEU C 285 16.67 -25.34 -53.21
CA LEU C 285 15.35 -25.76 -53.65
C LEU C 285 14.24 -25.33 -52.70
N GLN C 286 14.57 -24.53 -51.68
CA GLN C 286 13.64 -24.17 -50.63
C GLN C 286 13.39 -22.67 -50.64
N ARG C 287 12.34 -22.25 -49.95
CA ARG C 287 12.04 -20.83 -49.80
C ARG C 287 12.91 -20.27 -48.69
N VAL C 288 13.96 -19.55 -49.07
CA VAL C 288 14.87 -18.93 -48.10
C VAL C 288 15.18 -17.52 -48.54
N GLU C 289 14.16 -16.78 -48.97
CA GLU C 289 14.35 -15.40 -49.40
C GLU C 289 14.92 -14.54 -48.28
N GLU C 290 14.64 -14.88 -47.01
CA GLU C 290 15.19 -14.11 -45.90
C GLU C 290 16.70 -14.20 -45.86
N LEU C 291 17.24 -15.39 -46.12
CA LEU C 291 18.70 -15.56 -46.16
C LEU C 291 19.34 -14.63 -47.19
N TYR C 292 18.81 -14.64 -48.42
CA TYR C 292 19.38 -13.77 -49.46
C TYR C 292 19.18 -12.29 -49.12
N ASP C 293 17.99 -11.94 -48.60
CA ASP C 293 17.69 -10.53 -48.40
C ASP C 293 18.48 -9.94 -47.23
N SER C 294 18.84 -10.76 -46.23
CA SER C 294 19.63 -10.26 -45.11
C SER C 294 21.04 -9.87 -45.57
N LEU C 295 21.61 -10.62 -46.50
CA LEU C 295 22.93 -10.28 -47.03
C LEU C 295 22.86 -9.04 -47.90
N LEU C 296 21.86 -8.98 -48.80
CA LEU C 296 21.75 -7.83 -49.69
C LEU C 296 21.48 -6.54 -48.92
N GLN C 297 20.66 -6.62 -47.86
CA GLN C 297 20.39 -5.44 -47.05
C GLN C 297 21.65 -4.93 -46.37
N ALA C 298 22.50 -5.84 -45.91
CA ALA C 298 23.76 -5.43 -45.29
C ALA C 298 24.69 -4.77 -46.29
N ILE C 299 24.74 -5.29 -47.52
CA ILE C 299 25.54 -4.65 -48.56
C ILE C 299 24.99 -3.26 -48.86
N ALA C 300 23.67 -3.17 -49.05
CA ALA C 300 23.07 -1.88 -49.39
C ALA C 300 23.27 -0.85 -48.28
N PHE C 301 23.26 -1.29 -47.02
CA PHE C 301 23.50 -0.34 -45.92
C PHE C 301 24.85 0.33 -46.04
N TYR C 302 25.91 -0.46 -46.27
CA TYR C 302 27.24 0.13 -46.41
C TYR C 302 27.33 1.00 -47.66
N GLU C 303 26.80 0.52 -48.79
CA GLU C 303 26.98 1.27 -50.03
C GLU C 303 26.14 2.54 -50.07
N LEU C 304 25.00 2.57 -49.38
CA LEU C 304 24.12 3.73 -49.44
C LEU C 304 24.25 4.65 -48.23
N ALA C 305 24.69 4.15 -47.08
CA ALA C 305 24.71 4.96 -45.87
C ALA C 305 26.11 5.19 -45.31
N VAL C 306 27.03 4.24 -45.45
CA VAL C 306 28.36 4.35 -44.88
C VAL C 306 29.36 4.87 -45.90
N PHE C 307 29.45 4.24 -47.07
CA PHE C 307 30.40 4.64 -48.09
C PHE C 307 29.73 5.32 -49.26
N ASP C 308 28.92 6.35 -48.99
CA ASP C 308 28.28 7.10 -50.05
C ASP C 308 28.89 8.50 -50.17
N LYS D 104 -5.56 -19.77 -17.73
CA LYS D 104 -6.65 -18.96 -18.25
C LYS D 104 -6.61 -17.54 -17.67
N LEU D 105 -6.62 -17.44 -16.35
CA LEU D 105 -6.57 -16.12 -15.71
C LEU D 105 -5.25 -15.42 -15.98
N LEU D 106 -4.14 -16.15 -15.84
CA LEU D 106 -2.81 -15.56 -15.98
C LEU D 106 -1.97 -16.38 -16.97
N LYS D 107 -1.29 -15.67 -17.86
CA LYS D 107 -0.35 -16.26 -18.80
C LYS D 107 0.89 -15.38 -18.84
N PRO D 108 2.09 -15.97 -18.95
CA PRO D 108 2.37 -17.41 -19.02
C PRO D 108 2.20 -18.10 -17.67
N ASP D 109 2.43 -19.41 -17.64
CA ASP D 109 2.25 -20.18 -16.41
C ASP D 109 3.33 -19.82 -15.40
N ILE D 110 2.91 -19.41 -14.21
CA ILE D 110 3.81 -19.11 -13.10
C ILE D 110 3.44 -20.02 -11.93
N GLU D 111 4.45 -20.56 -11.27
CA GLU D 111 4.21 -21.48 -10.16
C GLU D 111 3.54 -20.74 -9.00
N ARG D 112 2.73 -21.48 -8.24
CA ARG D 112 2.08 -20.90 -7.07
C ARG D 112 3.09 -20.33 -6.08
N GLU D 113 4.28 -20.94 -6.00
CA GLU D 113 5.29 -20.47 -5.07
C GLU D 113 5.69 -19.03 -5.37
N ARG D 114 5.92 -18.71 -6.64
CA ARG D 114 6.30 -17.33 -6.98
C ARG D 114 5.13 -16.38 -6.82
N LEU D 115 3.91 -16.83 -7.16
CA LEU D 115 2.75 -15.95 -7.04
C LEU D 115 2.39 -15.68 -5.58
N LYS D 116 2.38 -16.73 -4.75
CA LYS D 116 2.01 -16.54 -3.35
C LYS D 116 3.08 -15.80 -2.56
N ALA D 117 4.32 -15.75 -3.06
CA ALA D 117 5.40 -15.05 -2.38
C ALA D 117 5.65 -13.66 -2.94
N VAL D 118 4.70 -13.11 -3.70
CA VAL D 118 4.84 -11.79 -4.27
C VAL D 118 4.87 -10.74 -3.16
N ASN D 119 5.83 -9.81 -3.26
CA ASN D 119 5.87 -8.68 -2.34
C ASN D 119 5.13 -7.47 -2.90
N SER D 120 5.27 -7.19 -4.20
CA SER D 120 4.53 -6.11 -4.83
C SER D 120 4.45 -6.39 -6.32
N ILE D 121 3.54 -5.67 -6.98
CA ILE D 121 3.32 -5.79 -8.41
C ILE D 121 3.10 -4.40 -8.99
N ILE D 122 3.40 -4.26 -10.27
CA ILE D 122 3.00 -3.13 -11.09
C ILE D 122 1.86 -3.59 -11.99
N SER D 123 0.72 -2.95 -11.89
CA SER D 123 -0.44 -3.26 -12.72
C SER D 123 -0.54 -2.18 -13.79
N ILE D 124 -0.46 -2.58 -15.06
CA ILE D 124 -0.41 -1.64 -16.18
C ILE D 124 -1.62 -1.86 -17.08
N VAL D 125 -2.30 -0.77 -17.42
CA VAL D 125 -3.43 -0.79 -18.34
C VAL D 125 -3.25 0.38 -19.30
N PHE D 126 -3.40 0.11 -20.59
CA PHE D 126 -3.26 1.16 -21.60
C PHE D 126 -4.46 1.19 -22.51
N GLY D 127 -4.66 2.35 -23.12
CA GLY D 127 -5.61 2.51 -24.20
C GLY D 127 -4.93 3.08 -25.41
N THR D 128 -5.69 3.75 -26.28
CA THR D 128 -5.13 4.37 -27.47
C THR D 128 -4.53 5.75 -27.19
N ARG D 129 -4.91 6.40 -26.08
CA ARG D 129 -4.44 7.75 -25.80
C ARG D 129 -3.50 7.85 -24.62
N ARG D 130 -3.54 6.91 -23.67
CA ARG D 130 -2.76 7.05 -22.46
C ARG D 130 -2.53 5.68 -21.85
N ILE D 131 -1.61 5.65 -20.88
CA ILE D 131 -1.29 4.46 -20.12
C ILE D 131 -1.34 4.85 -18.64
N ALA D 132 -1.68 3.89 -17.78
CA ALA D 132 -1.69 4.13 -16.35
C ALA D 132 -1.18 2.89 -15.64
N TRP D 133 -0.62 3.09 -14.45
CA TRP D 133 -0.10 1.98 -13.68
C TRP D 133 -0.30 2.23 -12.19
N ALA D 134 -0.34 1.14 -11.43
CA ALA D 134 -0.51 1.19 -9.99
C ALA D 134 0.42 0.18 -9.36
N HIS D 135 1.13 0.61 -8.30
CA HIS D 135 2.09 -0.22 -7.57
C HIS D 135 1.45 -0.59 -6.25
N LEU D 136 1.05 -1.86 -6.10
CA LEU D 136 0.42 -2.35 -4.88
C LEU D 136 1.26 -3.45 -4.26
N ASP D 137 1.54 -3.33 -2.96
CA ASP D 137 2.28 -4.37 -2.26
C ASP D 137 1.31 -5.42 -1.73
N ARG D 138 1.84 -6.48 -1.12
CA ARG D 138 1.02 -7.60 -0.70
C ARG D 138 0.15 -7.28 0.51
N LYS D 139 0.36 -6.14 1.15
CA LYS D 139 -0.59 -5.62 2.13
C LYS D 139 -1.68 -4.78 1.47
N LEU D 140 -1.76 -4.82 0.13
CA LEU D 140 -2.77 -4.10 -0.64
C LEU D 140 -2.65 -2.58 -0.48
N THR D 141 -1.44 -2.10 -0.26
CA THR D 141 -1.17 -0.67 -0.15
C THR D 141 -0.82 -0.11 -1.53
N VAL D 142 -1.50 0.96 -1.92
CA VAL D 142 -1.20 1.61 -3.19
C VAL D 142 0.03 2.47 -3.04
N LEU D 143 1.21 1.89 -3.32
CA LEU D 143 2.47 2.61 -3.13
C LEU D 143 2.68 3.69 -4.19
N ASP D 144 2.12 3.50 -5.38
CA ASP D 144 2.17 4.53 -6.41
C ASP D 144 1.05 4.28 -7.40
N TRP D 145 0.66 5.34 -8.10
CA TRP D 145 -0.49 5.32 -8.99
C TRP D 145 -0.35 6.50 -9.92
N GLN D 146 -0.32 6.25 -11.23
CA GLN D 146 0.10 7.30 -12.15
C GLN D 146 -0.50 7.03 -13.52
N GLN D 147 -0.67 8.09 -14.31
CA GLN D 147 -1.08 7.95 -15.69
C GLN D 147 -0.31 8.95 -16.55
N SER D 148 -0.05 8.56 -17.79
CA SER D 148 0.63 9.44 -18.72
C SER D 148 -0.33 10.50 -19.24
N ASP D 149 0.22 11.44 -20.00
CA ASP D 149 -0.56 12.45 -20.69
C ASP D 149 -0.81 12.00 -22.14
N ARG D 150 -1.28 12.92 -22.96
CA ARG D 150 -1.49 12.61 -24.38
C ARG D 150 -0.14 12.40 -25.06
N TRP D 151 0.08 11.19 -25.56
CA TRP D 151 1.35 10.83 -26.17
C TRP D 151 1.27 11.04 -27.68
N SER D 152 2.28 10.58 -28.41
CA SER D 152 2.32 10.71 -29.86
C SER D 152 1.87 9.44 -30.58
N LEU D 153 1.58 8.37 -29.84
CA LEU D 153 1.14 7.12 -30.45
C LEU D 153 -0.32 7.21 -30.89
N MET D 154 -0.67 6.33 -31.83
CA MET D 154 -2.03 6.23 -32.35
C MET D 154 -2.52 7.53 -32.99
N ARG D 155 -1.61 8.21 -33.68
CA ARG D 155 -1.95 9.44 -34.39
C ARG D 155 -1.58 9.36 -35.87
N GLY D 156 -1.65 8.16 -36.44
CA GLY D 156 -1.44 8.00 -37.86
C GLY D 156 -0.52 6.87 -38.26
N ILE D 157 0.64 6.76 -37.61
CA ILE D 157 1.69 5.85 -38.03
C ILE D 157 2.00 4.88 -36.90
N TYR D 158 2.75 3.83 -37.24
CA TYR D 158 3.20 2.80 -36.28
C TYR D 158 4.72 2.72 -36.39
N SER D 159 5.40 3.61 -35.68
CA SER D 159 6.86 3.70 -35.71
C SER D 159 7.43 3.02 -34.48
N SER D 160 8.16 1.91 -34.68
CA SER D 160 8.73 1.19 -33.55
C SER D 160 9.73 2.03 -32.78
N SER D 161 10.42 2.95 -33.45
CA SER D 161 11.36 3.81 -32.73
C SER D 161 10.61 4.77 -31.82
N VAL D 162 9.45 5.26 -32.26
CA VAL D 162 8.66 6.15 -31.42
C VAL D 162 8.08 5.40 -30.23
N TYR D 163 7.55 4.19 -30.48
CA TYR D 163 7.06 3.35 -29.37
C TYR D 163 8.17 3.12 -28.34
N LEU D 164 9.37 2.81 -28.81
CA LEU D 164 10.50 2.60 -27.90
C LEU D 164 10.75 3.83 -27.05
N GLU D 165 10.74 5.02 -27.65
CA GLU D 165 10.99 6.24 -26.89
C GLU D 165 9.89 6.49 -25.87
N GLU D 166 8.63 6.30 -26.26
CA GLU D 166 7.52 6.54 -25.34
C GLU D 166 7.54 5.55 -24.18
N ILE D 167 7.69 4.26 -24.48
CA ILE D 167 7.59 3.24 -23.44
C ILE D 167 8.81 3.28 -22.52
N SER D 168 10.01 3.52 -23.09
CA SER D 168 11.19 3.68 -22.24
C SER D 168 11.00 4.82 -21.25
N SER D 169 10.47 5.95 -21.72
CA SER D 169 10.21 7.08 -20.83
C SER D 169 9.22 6.70 -19.73
N ILE D 170 8.18 5.94 -20.08
CA ILE D 170 7.14 5.59 -19.12
C ILE D 170 7.69 4.66 -18.04
N ILE D 171 8.34 3.56 -18.45
CA ILE D 171 8.81 2.60 -17.47
C ILE D 171 9.96 3.16 -16.64
N SER D 172 10.65 4.20 -17.12
CA SER D 172 11.70 4.81 -16.32
C SER D 172 11.16 5.42 -15.03
N LYS D 173 9.86 5.71 -14.97
CA LYS D 173 9.22 6.26 -13.79
C LYS D 173 8.67 5.19 -12.86
N MET D 174 8.77 3.91 -13.23
CA MET D 174 8.21 2.81 -12.47
C MET D 174 9.22 2.27 -11.47
N PRO D 175 8.78 2.02 -10.23
CA PRO D 175 9.63 1.30 -9.29
C PRO D 175 9.72 -0.17 -9.68
N LYS D 176 10.61 -0.89 -9.01
CA LYS D 176 10.75 -2.31 -9.28
C LYS D 176 9.67 -3.09 -8.55
N ALA D 177 9.23 -4.18 -9.18
CA ALA D 177 8.24 -5.07 -8.60
C ALA D 177 8.58 -6.50 -8.98
N ASP D 178 7.98 -7.45 -8.26
CA ASP D 178 8.22 -8.85 -8.55
C ASP D 178 7.55 -9.26 -9.85
N PHE D 179 6.36 -8.74 -10.12
CA PHE D 179 5.64 -9.03 -11.35
C PHE D 179 5.04 -7.75 -11.92
N TYR D 180 4.96 -7.71 -13.25
CA TYR D 180 4.33 -6.64 -13.99
C TYR D 180 3.12 -7.24 -14.71
N VAL D 181 1.93 -6.77 -14.39
CA VAL D 181 0.69 -7.38 -14.87
C VAL D 181 0.09 -6.48 -15.92
N LEU D 182 -0.08 -7.01 -17.13
CA LEU D 182 -0.76 -6.33 -18.22
C LEU D 182 -2.12 -6.98 -18.47
N GLU D 183 -2.97 -6.26 -19.19
CA GLU D 183 -4.28 -6.77 -19.57
C GLU D 183 -4.18 -7.67 -20.79
N LYS D 184 -4.90 -8.77 -20.76
CA LYS D 184 -5.24 -9.53 -21.96
C LYS D 184 -6.68 -9.21 -22.31
N THR D 185 -6.88 -8.40 -23.34
CA THR D 185 -8.23 -8.03 -23.75
C THR D 185 -8.83 -9.13 -24.63
N GLY D 186 -10.10 -8.93 -24.98
CA GLY D 186 -10.80 -9.85 -25.85
C GLY D 186 -10.70 -9.55 -27.32
N LEU D 187 -9.88 -8.58 -27.72
CA LEU D 187 -9.81 -8.20 -29.14
C LEU D 187 -9.12 -9.31 -29.93
N SER D 188 -9.81 -9.83 -30.94
CA SER D 188 -9.26 -10.83 -31.83
C SER D 188 -9.02 -10.21 -33.20
N ILE D 189 -8.21 -10.91 -34.01
CA ILE D 189 -7.86 -10.39 -35.33
C ILE D 189 -8.98 -10.59 -36.34
N GLN D 190 -10.09 -11.21 -35.93
CA GLN D 190 -11.22 -11.43 -36.84
C GLN D 190 -12.02 -10.16 -37.09
N ASN D 191 -11.95 -9.18 -36.19
CA ASN D 191 -12.67 -7.92 -36.34
C ASN D 191 -11.77 -6.92 -37.05
N SER D 192 -12.05 -6.66 -38.33
CA SER D 192 -11.14 -5.87 -39.15
C SER D 192 -11.19 -4.39 -38.76
N SER D 193 -12.37 -3.88 -38.43
CA SER D 193 -12.51 -2.46 -38.14
C SER D 193 -11.71 -2.04 -36.91
N LEU D 194 -11.35 -2.98 -36.05
CA LEU D 194 -10.61 -2.68 -34.83
C LEU D 194 -9.13 -3.07 -34.92
N PHE D 195 -8.65 -3.47 -36.10
CA PHE D 195 -7.25 -3.85 -36.21
C PHE D 195 -6.28 -2.73 -35.83
N PRO D 196 -6.51 -1.46 -36.20
CA PRO D 196 -5.56 -0.42 -35.74
C PRO D 196 -5.40 -0.38 -34.23
N ILE D 197 -6.48 -0.62 -33.49
CA ILE D 197 -6.38 -0.69 -32.03
C ILE D 197 -5.69 -1.98 -31.59
N LEU D 198 -6.04 -3.10 -32.23
CA LEU D 198 -5.41 -4.37 -31.90
C LEU D 198 -3.92 -4.32 -32.17
N LEU D 199 -3.52 -3.71 -33.28
CA LEU D 199 -2.10 -3.58 -33.61
C LEU D 199 -1.38 -2.74 -32.55
N HIS D 200 -1.98 -1.61 -32.19
CA HIS D 200 -1.43 -0.75 -31.13
C HIS D 200 -1.23 -1.54 -29.83
N PHE D 201 -2.25 -2.28 -29.42
CA PHE D 201 -2.16 -3.03 -28.16
C PHE D 201 -1.06 -4.07 -28.22
N HIS D 202 -0.91 -4.76 -29.35
CA HIS D 202 0.13 -5.78 -29.43
C HIS D 202 1.52 -5.18 -29.44
N ILE D 203 1.70 -3.99 -30.04
CA ILE D 203 3.02 -3.36 -30.01
C ILE D 203 3.35 -2.89 -28.59
N MET D 204 2.38 -2.26 -27.92
CA MET D 204 2.56 -1.89 -26.52
C MET D 204 2.97 -3.09 -25.68
N GLU D 205 2.19 -4.17 -25.76
CA GLU D 205 2.45 -5.35 -24.96
C GLU D 205 3.80 -5.98 -25.29
N ALA D 206 4.16 -6.03 -26.58
CA ALA D 206 5.44 -6.61 -26.97
C ALA D 206 6.61 -5.91 -26.31
N MET D 207 6.64 -4.58 -26.39
CA MET D 207 7.77 -3.85 -25.83
C MET D 207 7.78 -3.92 -24.31
N LEU D 208 6.60 -3.93 -23.67
CA LEU D 208 6.56 -4.04 -22.22
C LEU D 208 7.14 -5.37 -21.75
N TYR D 209 6.70 -6.47 -22.37
CA TYR D 209 7.30 -7.78 -22.10
C TYR D 209 8.81 -7.76 -22.27
N ALA D 210 9.30 -7.12 -23.32
CA ALA D 210 10.74 -7.13 -23.59
C ALA D 210 11.49 -6.22 -22.63
N LEU D 211 10.94 -5.04 -22.34
CA LEU D 211 11.68 -4.06 -21.54
C LEU D 211 11.60 -4.35 -20.05
N LEU D 212 10.43 -4.78 -19.56
CA LEU D 212 10.27 -5.01 -18.13
C LEU D 212 10.84 -6.34 -17.67
N ASN D 213 11.21 -7.24 -18.59
CA ASN D 213 11.90 -8.47 -18.24
C ASN D 213 13.40 -8.21 -18.28
N LYS D 214 13.88 -7.55 -17.23
CA LYS D 214 15.26 -7.07 -17.22
C LYS D 214 16.28 -8.19 -17.05
N THR D 215 15.87 -9.34 -16.51
CA THR D 215 16.77 -10.46 -16.29
C THR D 215 16.44 -11.68 -17.14
N PHE D 216 15.45 -11.59 -18.02
CA PHE D 216 15.00 -12.77 -18.75
C PHE D 216 16.10 -13.37 -19.60
N ALA D 217 17.00 -12.54 -20.13
CA ALA D 217 18.06 -13.04 -20.99
C ALA D 217 18.95 -14.05 -20.28
N GLN D 218 19.16 -13.88 -18.96
CA GLN D 218 20.02 -14.78 -18.21
C GLN D 218 19.25 -15.97 -17.65
N ASP D 219 18.21 -15.71 -16.86
CA ASP D 219 17.52 -16.76 -16.12
C ASP D 219 16.30 -17.31 -16.85
N GLY D 220 15.71 -16.55 -17.77
CA GLY D 220 14.54 -17.03 -18.48
C GLY D 220 13.28 -17.12 -17.67
N GLN D 221 13.22 -16.43 -16.53
CA GLN D 221 12.03 -16.42 -15.69
C GLN D 221 11.15 -15.24 -16.08
N HIS D 222 9.91 -15.53 -16.48
CA HIS D 222 8.99 -14.47 -16.86
C HIS D 222 8.61 -13.63 -15.65
N GLN D 223 8.69 -12.30 -15.80
CA GLN D 223 8.20 -11.37 -14.79
C GLN D 223 7.04 -10.53 -15.27
N VAL D 224 6.68 -10.59 -16.55
CA VAL D 224 5.54 -9.84 -17.09
C VAL D 224 4.42 -10.84 -17.39
N LEU D 225 3.24 -10.56 -16.85
CA LEU D 225 2.09 -11.45 -16.97
C LEU D 225 0.93 -10.72 -17.63
N SER D 226 0.07 -11.49 -18.29
CA SER D 226 -1.15 -10.97 -18.89
C SER D 226 -2.35 -11.55 -18.16
N MET D 227 -3.23 -10.68 -17.69
CA MET D 227 -4.37 -11.08 -16.88
C MET D 227 -5.65 -10.88 -17.67
N ASN D 228 -6.48 -11.93 -17.71
CA ASN D 228 -7.73 -11.92 -18.45
C ASN D 228 -8.63 -10.77 -17.99
N ARG D 229 -8.84 -9.78 -18.86
CA ARG D 229 -9.65 -8.62 -18.51
C ARG D 229 -11.10 -9.01 -18.24
N ASN D 230 -11.62 -10.01 -18.96
CA ASN D 230 -12.99 -10.45 -18.75
C ASN D 230 -13.17 -11.04 -17.35
N ALA D 231 -12.20 -11.82 -16.89
CA ALA D 231 -12.30 -12.41 -15.55
C ALA D 231 -12.30 -11.34 -14.46
N VAL D 232 -11.45 -10.31 -14.62
CA VAL D 232 -11.42 -9.22 -13.64
C VAL D 232 -12.76 -8.50 -13.63
N GLY D 233 -13.36 -8.31 -14.80
CA GLY D 233 -14.66 -7.65 -14.88
C GLY D 233 -15.75 -8.43 -14.16
N LYS D 234 -15.77 -9.76 -14.31
CA LYS D 234 -16.74 -10.57 -13.59
C LYS D 234 -16.46 -10.55 -12.09
N HIS D 235 -15.19 -10.51 -11.71
CA HIS D 235 -14.83 -10.50 -10.29
C HIS D 235 -15.39 -9.28 -9.57
N PHE D 236 -15.38 -8.12 -10.24
CA PHE D 236 -15.92 -6.89 -9.68
C PHE D 236 -17.36 -6.63 -10.14
N GLU D 237 -17.99 -7.59 -10.81
CA GLU D 237 -19.40 -7.48 -11.22
C GLU D 237 -19.64 -6.24 -12.08
N LEU D 238 -18.74 -5.98 -13.02
CA LEU D 238 -18.86 -4.84 -13.91
C LEU D 238 -19.34 -5.23 -15.30
N MET D 239 -19.89 -6.43 -15.46
CA MET D 239 -20.24 -6.95 -16.78
C MET D 239 -21.67 -6.57 -17.15
N ILE D 240 -21.85 -6.18 -18.41
CA ILE D 240 -23.17 -6.05 -19.04
C ILE D 240 -23.06 -6.67 -20.41
N GLY D 241 -23.73 -7.79 -20.63
CA GLY D 241 -23.62 -8.49 -21.90
C GLY D 241 -22.22 -8.94 -22.24
N ASP D 242 -21.50 -9.47 -21.25
CA ASP D 242 -20.13 -9.96 -21.41
C ASP D 242 -19.19 -8.87 -21.89
N SER D 243 -19.53 -7.62 -21.63
CA SER D 243 -18.65 -6.48 -21.92
C SER D 243 -18.57 -5.64 -20.65
N ARG D 244 -17.38 -5.12 -20.37
CA ARG D 244 -17.16 -4.43 -19.10
C ARG D 244 -17.70 -3.00 -19.13
N THR D 245 -18.23 -2.57 -18.00
CA THR D 245 -18.58 -1.17 -17.78
C THR D 245 -17.50 -0.51 -16.94
N SER D 246 -17.63 0.80 -16.79
CA SER D 246 -16.59 1.57 -16.12
C SER D 246 -16.49 1.19 -14.65
N GLY D 247 -15.26 1.07 -14.16
CA GLY D 247 -15.00 0.92 -12.74
C GLY D 247 -14.86 2.23 -12.01
N LYS D 248 -15.26 3.34 -12.62
CA LYS D 248 -15.10 4.66 -12.02
C LYS D 248 -15.80 4.74 -10.67
N GLU D 249 -17.05 4.27 -10.59
CA GLU D 249 -17.80 4.40 -9.36
C GLU D 249 -17.24 3.49 -8.26
N LEU D 250 -16.77 2.30 -8.64
CA LEU D 250 -16.20 1.38 -7.65
C LEU D 250 -14.90 1.93 -7.08
N VAL D 251 -14.06 2.52 -7.94
CA VAL D 251 -12.86 3.18 -7.44
C VAL D 251 -13.22 4.38 -6.58
N LYS D 252 -14.31 5.07 -6.91
CA LYS D 252 -14.72 6.23 -6.12
C LYS D 252 -15.05 5.81 -4.68
N GLN D 253 -15.62 4.62 -4.51
CA GLN D 253 -15.92 4.12 -3.17
C GLN D 253 -14.63 3.85 -2.40
N PHE D 254 -13.67 3.18 -3.03
CA PHE D 254 -12.39 2.92 -2.38
C PHE D 254 -11.70 4.22 -1.98
N LEU D 255 -11.84 5.26 -2.81
CA LEU D 255 -11.05 6.47 -2.67
C LEU D 255 -11.71 7.53 -1.81
N PHE D 256 -13.04 7.49 -1.63
CA PHE D 256 -13.74 8.53 -0.87
C PHE D 256 -14.67 7.98 0.20
N ASP D 257 -14.61 6.68 0.50
CA ASP D 257 -15.28 6.13 1.67
C ASP D 257 -14.27 6.03 2.80
N SER D 258 -14.51 6.77 3.88
CA SER D 258 -13.61 6.82 5.02
C SER D 258 -14.32 6.41 6.31
N ILE D 259 -15.26 5.47 6.21
CA ILE D 259 -15.86 4.90 7.42
C ILE D 259 -14.78 4.17 8.23
N LEU D 260 -14.20 3.13 7.64
CA LEU D 260 -12.98 2.49 8.14
C LEU D 260 -13.16 1.99 9.58
N LYS D 261 -14.09 1.05 9.73
CA LYS D 261 -14.21 0.25 10.95
C LYS D 261 -14.02 -1.23 10.68
N ALA D 262 -13.70 -1.59 9.44
CA ALA D 262 -13.30 -2.95 9.08
C ALA D 262 -12.17 -2.85 8.07
N ASP D 263 -11.48 -3.96 7.84
CA ASP D 263 -10.35 -3.97 6.92
C ASP D 263 -10.85 -3.80 5.49
N PRO D 264 -10.46 -2.74 4.79
CA PRO D 264 -10.89 -2.58 3.39
C PRO D 264 -10.12 -3.51 2.46
N ARG D 265 -10.53 -3.46 1.19
CA ARG D 265 -9.87 -4.26 0.16
C ARG D 265 -8.62 -3.60 -0.39
N VAL D 266 -8.44 -2.30 -0.14
CA VAL D 266 -7.30 -1.56 -0.68
C VAL D 266 -7.03 -0.38 0.25
N PHE D 267 -5.74 -0.05 0.41
CA PHE D 267 -5.30 0.99 1.34
C PHE D 267 -4.51 2.05 0.58
N PHE D 268 -4.77 3.32 0.89
CA PHE D 268 -4.04 4.43 0.33
C PHE D 268 -3.24 5.12 1.42
N PRO D 269 -1.91 5.27 1.27
CA PRO D 269 -1.12 5.91 2.32
C PRO D 269 -1.56 7.35 2.56
N SER D 270 -1.32 7.83 3.78
CA SER D 270 -1.78 9.16 4.14
C SER D 270 -1.00 10.24 3.39
N ASP D 271 0.29 10.02 3.15
CA ASP D 271 1.09 10.99 2.41
C ASP D 271 0.80 10.98 0.92
N LYS D 272 -0.13 10.14 0.45
CA LYS D 272 -0.48 10.08 -0.95
C LYS D 272 -1.99 10.03 -1.21
N ILE D 273 -2.82 9.86 -0.17
CA ILE D 273 -4.26 9.73 -0.39
C ILE D 273 -4.84 11.01 -0.97
N VAL D 274 -4.41 12.17 -0.46
CA VAL D 274 -4.95 13.42 -0.97
C VAL D 274 -4.51 13.65 -2.41
N HIS D 275 -3.28 13.24 -2.75
CA HIS D 275 -2.81 13.38 -4.12
C HIS D 275 -3.60 12.48 -5.06
N TYR D 276 -3.93 11.26 -4.61
CA TYR D 276 -4.75 10.37 -5.42
C TYR D 276 -6.13 10.96 -5.66
N ARG D 277 -6.69 11.62 -4.64
CA ARG D 277 -8.05 12.14 -4.75
C ARG D 277 -8.14 13.29 -5.74
N GLN D 278 -7.12 14.15 -5.78
CA GLN D 278 -7.12 15.22 -6.78
C GLN D 278 -6.95 14.65 -8.18
N MET D 279 -6.03 13.69 -8.35
CA MET D 279 -5.86 13.05 -9.65
C MET D 279 -7.17 12.43 -10.15
N PHE D 280 -7.96 11.90 -9.22
CA PHE D 280 -9.29 11.39 -9.59
C PHE D 280 -10.23 12.54 -9.94
N LEU D 281 -10.26 13.58 -9.10
CA LEU D 281 -11.19 14.68 -9.34
C LEU D 281 -10.78 15.55 -10.51
N SER D 282 -9.47 15.69 -10.77
CA SER D 282 -9.01 16.49 -11.89
C SER D 282 -9.15 15.78 -13.23
N THR D 283 -9.44 14.47 -13.23
CA THR D 283 -9.59 13.71 -14.47
C THR D 283 -10.96 13.03 -14.55
N GLU D 284 -11.88 13.34 -13.66
CA GLU D 284 -13.20 12.70 -13.68
C GLU D 284 -13.97 13.05 -14.94
N LEU D 285 -13.80 14.26 -15.47
CA LEU D 285 -14.51 14.65 -16.68
C LEU D 285 -13.99 13.94 -17.91
N GLN D 286 -12.72 13.56 -17.94
CA GLN D 286 -12.14 12.85 -19.06
C GLN D 286 -12.39 11.35 -18.95
N ARG D 287 -12.05 10.63 -20.02
CA ARG D 287 -12.22 9.18 -20.07
C ARG D 287 -10.90 8.52 -19.68
N VAL D 288 -10.63 8.50 -18.38
CA VAL D 288 -9.41 7.90 -17.87
C VAL D 288 -9.70 6.51 -17.33
N GLU D 289 -10.31 5.66 -18.16
CA GLU D 289 -10.62 4.31 -17.74
C GLU D 289 -9.37 3.53 -17.38
N GLU D 290 -8.24 3.82 -18.03
CA GLU D 290 -7.00 3.10 -17.74
C GLU D 290 -6.56 3.30 -16.29
N LEU D 291 -6.75 4.52 -15.76
CA LEU D 291 -6.38 4.77 -14.37
C LEU D 291 -7.17 3.89 -13.41
N TYR D 292 -8.49 3.84 -13.59
CA TYR D 292 -9.31 2.99 -12.74
C TYR D 292 -8.98 1.52 -12.94
N ASP D 293 -8.81 1.09 -14.20
CA ASP D 293 -8.59 -0.32 -14.48
C ASP D 293 -7.25 -0.81 -13.93
N SER D 294 -6.21 0.04 -13.96
CA SER D 294 -4.93 -0.37 -13.40
C SER D 294 -5.05 -0.70 -11.92
N LEU D 295 -5.80 0.10 -11.17
CA LEU D 295 -6.00 -0.19 -9.75
C LEU D 295 -6.82 -1.46 -9.56
N LEU D 296 -7.91 -1.61 -10.30
CA LEU D 296 -8.78 -2.78 -10.13
C LEU D 296 -8.04 -4.06 -10.50
N GLN D 297 -7.27 -4.04 -11.58
CA GLN D 297 -6.49 -5.21 -11.97
C GLN D 297 -5.55 -5.63 -10.86
N ALA D 298 -4.89 -4.65 -10.22
CA ALA D 298 -3.97 -4.97 -9.13
C ALA D 298 -4.71 -5.66 -7.97
N ILE D 299 -5.86 -5.11 -7.58
CA ILE D 299 -6.64 -5.73 -6.49
C ILE D 299 -7.07 -7.13 -6.87
N ALA D 300 -7.55 -7.31 -8.10
CA ALA D 300 -8.00 -8.62 -8.56
C ALA D 300 -6.84 -9.62 -8.54
N PHE D 301 -5.64 -9.18 -8.92
CA PHE D 301 -4.49 -10.06 -8.92
C PHE D 301 -4.25 -10.66 -7.54
N TYR D 302 -4.26 -9.81 -6.51
CA TYR D 302 -4.05 -10.31 -5.16
C TYR D 302 -5.21 -11.19 -4.70
N GLU D 303 -6.44 -10.79 -5.04
CA GLU D 303 -7.61 -11.52 -4.53
C GLU D 303 -7.81 -12.85 -5.23
N LEU D 304 -7.37 -12.97 -6.49
CA LEU D 304 -7.59 -14.18 -7.26
C LEU D 304 -6.36 -15.07 -7.37
N ALA D 305 -5.16 -14.48 -7.33
CA ALA D 305 -3.94 -15.26 -7.58
C ALA D 305 -3.03 -15.40 -6.38
N VAL D 306 -3.11 -14.51 -5.40
CA VAL D 306 -2.19 -14.55 -4.25
C VAL D 306 -2.90 -15.11 -3.03
N PHE D 307 -4.02 -14.50 -2.64
CA PHE D 307 -4.75 -14.89 -1.44
C PHE D 307 -5.96 -15.71 -1.85
N ASP D 308 -5.80 -17.03 -1.85
CA ASP D 308 -6.90 -17.95 -2.13
C ASP D 308 -6.56 -19.36 -1.69
#